data_2GLM
#
_entry.id   2GLM
#
_cell.length_a   74.052
_cell.length_b   100.534
_cell.length_c   186.142
_cell.angle_alpha   90.00
_cell.angle_beta   90.00
_cell.angle_gamma   90.00
#
_symmetry.space_group_name_H-M   'P 21 21 21'
#
loop_
_entity.id
_entity.type
_entity.pdbx_description
1 polymer '(3R)-hydroxymyristoyl-acyl carrier protein dehydratase'
2 non-polymer 'CHLORIDE ION'
3 non-polymer BENZAMIDINE
4 non-polymer '2-CHLORO-5-(5-{(E)-[(2Z)-3-(2-METHOXYETHYL)-4-OXO-2-(PHENYLIMINO)-1,3-THIAZOLIDIN-5-YLIDENE]METHYL}-2-FURYL)BENZOIC ACID'
5 water water
#
_entity_poly.entity_id   1
_entity_poly.type   'polypeptide(L)'
_entity_poly.pdbx_seq_one_letter_code
;MRGSHHHHHHGSMEQSHQNLQSQFFIEHILQILPHRYPMLLVDRITELQANQKIVAYKNITFNEDVFNGHFPNKPIFPGV
LIVEGMAQSGGFLAFTSLWGFDPEIAKTKIVYFMTIDKVKFRIPVTPGDRLEYHLEVLKHKGMIWQVGGTAQVDGKVVAE
AELKAMIAERE
;
_entity_poly.pdbx_strand_id   A,B,C,D,E,F
#
# COMPACT_ATOMS: atom_id res chain seq x y z
N LEU A 20 33.16 12.68 2.89
CA LEU A 20 34.02 13.90 2.84
C LEU A 20 33.17 15.16 2.96
N GLN A 21 31.95 15.11 2.41
CA GLN A 21 31.03 16.25 2.48
C GLN A 21 30.26 16.20 3.82
N SER A 22 29.42 17.19 4.07
CA SER A 22 28.65 17.25 5.33
C SER A 22 27.14 17.40 5.10
N GLN A 23 26.76 17.56 3.83
CA GLN A 23 25.35 17.72 3.48
C GLN A 23 24.97 16.74 2.37
N PHE A 24 24.00 15.86 2.65
CA PHE A 24 23.56 14.88 1.65
C PHE A 24 22.04 14.87 1.50
N PHE A 25 21.59 14.54 0.30
CA PHE A 25 20.17 14.48 0.01
C PHE A 25 19.77 13.05 -0.30
N ILE A 26 18.46 12.79 -0.30
CA ILE A 26 17.93 11.46 -0.55
C ILE A 26 18.61 10.71 -1.68
N GLU A 27 19.08 11.44 -2.68
CA GLU A 27 19.75 10.82 -3.81
C GLU A 27 21.10 10.20 -3.41
N HIS A 28 21.70 10.72 -2.33
CA HIS A 28 22.98 10.21 -1.85
C HIS A 28 22.69 9.14 -0.82
N ILE A 29 21.67 9.38 -0.01
CA ILE A 29 21.24 8.44 1.01
C ILE A 29 20.87 7.11 0.37
N LEU A 30 20.17 7.16 -0.75
CA LEU A 30 19.77 5.95 -1.48
C LEU A 30 20.98 5.16 -2.00
N GLN A 31 22.10 5.84 -2.21
CA GLN A 31 23.29 5.15 -2.71
C GLN A 31 24.12 4.51 -1.60
N ILE A 32 23.89 4.95 -0.37
CA ILE A 32 24.63 4.41 0.76
C ILE A 32 23.85 3.34 1.52
N LEU A 33 22.64 3.66 1.94
CA LEU A 33 21.83 2.69 2.69
C LEU A 33 21.07 1.75 1.77
N PRO A 34 20.86 0.50 2.21
CA PRO A 34 20.12 -0.46 1.38
C PRO A 34 18.61 -0.36 1.62
N HIS A 35 18.23 0.30 2.71
CA HIS A 35 16.83 0.47 3.06
C HIS A 35 16.03 1.09 1.93
N ARG A 36 14.79 0.68 1.81
CA ARG A 36 13.90 1.22 0.79
C ARG A 36 12.50 1.32 1.37
N TYR A 37 11.57 1.86 0.60
CA TYR A 37 10.19 2.00 1.08
C TYR A 37 9.66 0.64 1.53
N PRO A 38 8.97 0.59 2.67
CA PRO A 38 8.69 1.74 3.54
C PRO A 38 9.56 1.71 4.80
N MET A 39 10.86 1.48 4.64
CA MET A 39 11.76 1.43 5.79
C MET A 39 12.95 2.37 5.70
N LEU A 40 13.04 3.16 4.63
CA LEU A 40 14.12 4.13 4.50
C LEU A 40 13.55 5.34 5.24
N LEU A 41 13.99 5.57 6.47
CA LEU A 41 13.44 6.66 7.26
C LEU A 41 14.33 7.87 7.54
N VAL A 42 15.17 8.21 6.57
CA VAL A 42 16.05 9.37 6.70
C VAL A 42 15.96 10.11 5.36
N ASP A 43 15.40 11.31 5.38
CA ASP A 43 15.23 12.08 4.16
C ASP A 43 16.41 12.93 3.77
N ARG A 44 17.11 13.48 4.76
CA ARG A 44 18.24 14.36 4.45
C ARG A 44 19.25 14.45 5.59
N ILE A 45 20.52 14.65 5.23
CA ILE A 45 21.57 14.79 6.22
C ILE A 45 22.08 16.22 6.08
N THR A 46 21.96 16.99 7.15
CA THR A 46 22.37 18.38 7.11
C THR A 46 23.75 18.63 7.71
N GLU A 47 24.29 17.64 8.39
CA GLU A 47 25.59 17.77 9.03
C GLU A 47 26.26 16.40 9.16
N LEU A 48 27.56 16.34 8.85
CA LEU A 48 28.29 15.09 8.93
C LEU A 48 29.77 15.32 9.18
N GLN A 49 30.25 14.79 10.30
CA GLN A 49 31.66 14.89 10.70
C GLN A 49 32.19 13.50 10.99
N ALA A 50 33.02 12.98 10.09
CA ALA A 50 33.60 11.65 10.22
C ALA A 50 34.03 11.25 11.62
N ASN A 51 33.68 10.03 12.00
CA ASN A 51 34.04 9.48 13.30
C ASN A 51 33.52 10.27 14.49
N GLN A 52 32.75 11.34 14.24
CA GLN A 52 32.25 12.14 15.35
C GLN A 52 30.74 12.22 15.46
N LYS A 53 30.09 12.73 14.44
CA LYS A 53 28.64 12.86 14.52
C LYS A 53 27.96 13.06 13.20
N ILE A 54 26.63 13.03 13.27
CA ILE A 54 25.77 13.24 12.12
C ILE A 54 24.44 13.80 12.64
N VAL A 55 23.90 14.77 11.90
CA VAL A 55 22.61 15.37 12.23
C VAL A 55 21.83 15.25 10.94
N ALA A 56 20.70 14.55 11.00
CA ALA A 56 19.88 14.37 9.81
C ALA A 56 18.43 14.48 10.21
N TYR A 57 17.52 14.30 9.25
CA TYR A 57 16.11 14.39 9.58
C TYR A 57 15.19 13.65 8.63
N LYS A 58 13.98 13.42 9.09
CA LYS A 58 12.95 12.77 8.31
C LYS A 58 11.68 13.55 8.53
N ASN A 59 11.00 13.94 7.45
CA ASN A 59 9.76 14.68 7.60
C ASN A 59 8.67 13.70 7.95
N ILE A 60 7.74 14.15 8.77
CA ILE A 60 6.64 13.29 9.15
C ILE A 60 5.38 13.89 8.53
N THR A 61 4.77 13.13 7.64
CA THR A 61 3.56 13.57 6.96
C THR A 61 2.46 12.54 7.14
N PHE A 62 1.22 13.01 7.09
CA PHE A 62 0.09 12.11 7.24
C PHE A 62 0.01 11.10 6.10
N ASN A 63 0.61 11.46 4.95
CA ASN A 63 0.58 10.61 3.77
C ASN A 63 1.51 9.39 3.85
N GLU A 64 1.59 8.77 5.02
CA GLU A 64 2.42 7.58 5.19
C GLU A 64 1.54 6.40 5.61
N ASP A 65 1.87 5.22 5.12
CA ASP A 65 1.06 4.05 5.42
C ASP A 65 0.95 3.82 6.92
N VAL A 66 2.08 3.93 7.63
CA VAL A 66 2.08 3.71 9.07
C VAL A 66 0.91 4.33 9.83
N PHE A 67 0.55 5.56 9.49
CA PHE A 67 -0.53 6.23 10.20
C PHE A 67 -1.91 5.61 10.07
N ASN A 68 -2.13 4.80 9.03
CA ASN A 68 -3.43 4.15 8.85
C ASN A 68 -3.84 3.32 10.08
N GLY A 69 -2.86 2.70 10.73
CA GLY A 69 -3.17 1.91 11.89
C GLY A 69 -2.43 2.30 13.15
N HIS A 70 -1.83 3.48 13.17
CA HIS A 70 -1.09 3.91 14.36
C HIS A 70 -1.15 5.42 14.57
N PHE A 71 -2.33 5.94 14.93
CA PHE A 71 -3.55 5.13 15.10
C PHE A 71 -4.71 5.83 14.40
N PRO A 72 -5.80 5.10 14.12
CA PRO A 72 -6.93 5.73 13.44
C PRO A 72 -7.42 6.93 14.26
N ASN A 73 -7.61 8.07 13.62
CA ASN A 73 -8.06 9.28 14.32
C ASN A 73 -7.08 9.84 15.33
N LYS A 74 -5.78 9.61 15.12
CA LYS A 74 -4.77 10.01 16.08
C LYS A 74 -3.39 9.61 15.57
N PRO A 75 -2.96 10.19 14.45
CA PRO A 75 -1.65 9.86 13.90
C PRO A 75 -0.48 10.13 14.84
N ILE A 76 0.26 9.08 15.16
CA ILE A 76 1.43 9.18 16.03
C ILE A 76 2.56 8.36 15.41
N PHE A 77 3.67 9.00 15.11
CA PHE A 77 4.79 8.30 14.52
C PHE A 77 5.36 7.35 15.57
N PRO A 78 5.39 6.04 15.26
CA PRO A 78 5.91 5.01 16.17
C PRO A 78 7.30 5.27 16.76
N GLY A 79 7.40 5.16 18.08
CA GLY A 79 8.66 5.37 18.76
C GLY A 79 9.77 4.48 18.24
N VAL A 80 9.46 3.21 17.99
CA VAL A 80 10.48 2.29 17.48
C VAL A 80 10.98 2.72 16.10
N LEU A 81 10.12 3.43 15.36
CA LEU A 81 10.50 3.91 14.04
C LEU A 81 11.41 5.12 14.20
N ILE A 82 11.26 5.84 15.29
CA ILE A 82 12.11 6.99 15.55
C ILE A 82 13.50 6.40 15.81
N VAL A 83 13.53 5.30 16.54
CA VAL A 83 14.77 4.63 16.87
C VAL A 83 15.40 4.08 15.60
N GLU A 84 14.59 3.50 14.73
CA GLU A 84 15.07 2.95 13.48
C GLU A 84 15.72 4.07 12.67
N GLY A 85 15.06 5.22 12.63
CA GLY A 85 15.60 6.36 11.90
C GLY A 85 16.95 6.81 12.46
N MET A 86 17.08 6.77 13.78
CA MET A 86 18.33 7.14 14.43
C MET A 86 19.43 6.14 14.07
N ALA A 87 19.07 4.87 14.03
CA ALA A 87 20.02 3.81 13.70
C ALA A 87 20.55 3.94 12.27
N GLN A 88 19.67 4.30 11.34
CA GLN A 88 20.06 4.44 9.93
C GLN A 88 21.06 5.58 9.74
N SER A 89 20.86 6.67 10.49
CA SER A 89 21.75 7.82 10.42
C SER A 89 23.08 7.39 10.99
N GLY A 90 23.02 6.63 12.08
CA GLY A 90 24.25 6.15 12.69
C GLY A 90 24.95 5.27 11.68
N GLY A 91 24.18 4.42 11.00
CA GLY A 91 24.75 3.53 10.01
C GLY A 91 25.44 4.27 8.88
N PHE A 92 24.78 5.31 8.37
CA PHE A 92 25.35 6.13 7.29
C PHE A 92 26.63 6.77 7.81
N LEU A 93 26.59 7.19 9.07
CA LEU A 93 27.73 7.83 9.72
C LEU A 93 28.90 6.85 9.79
N ALA A 94 28.61 5.67 10.34
CA ALA A 94 29.62 4.64 10.50
C ALA A 94 30.30 4.29 9.18
N PHE A 95 29.50 4.02 8.15
CA PHE A 95 30.05 3.66 6.85
C PHE A 95 30.92 4.76 6.24
N THR A 96 30.37 5.96 6.08
CA THR A 96 31.13 7.04 5.48
C THR A 96 32.40 7.40 6.23
N SER A 97 32.37 7.25 7.55
CA SER A 97 33.56 7.54 8.36
C SER A 97 34.71 6.69 7.88
N LEU A 98 34.38 5.47 7.45
CA LEU A 98 35.37 4.49 7.01
C LEU A 98 35.69 4.41 5.52
N TRP A 99 34.73 4.73 4.67
CA TRP A 99 34.98 4.63 3.23
C TRP A 99 34.60 5.90 2.51
N GLY A 100 33.92 6.81 3.21
CA GLY A 100 33.48 8.04 2.59
C GLY A 100 32.25 7.72 1.75
N PHE A 101 31.96 8.55 0.77
CA PHE A 101 30.80 8.32 -0.08
C PHE A 101 31.23 7.39 -1.21
N ASP A 102 31.12 6.09 -0.96
CA ASP A 102 31.51 5.07 -1.94
C ASP A 102 30.38 4.08 -2.21
N PRO A 103 29.53 4.38 -3.21
CA PRO A 103 28.40 3.54 -3.60
C PRO A 103 28.76 2.07 -3.81
N GLU A 104 29.92 1.81 -4.43
CA GLU A 104 30.34 0.43 -4.68
C GLU A 104 30.36 -0.37 -3.40
N ILE A 105 31.30 -0.03 -2.52
CA ILE A 105 31.44 -0.74 -1.28
C ILE A 105 30.16 -0.71 -0.46
N ALA A 106 29.52 0.46 -0.39
CA ALA A 106 28.27 0.60 0.37
C ALA A 106 27.25 -0.51 0.09
N LYS A 107 27.11 -0.90 -1.18
CA LYS A 107 26.14 -1.93 -1.51
C LYS A 107 26.66 -3.35 -1.35
N THR A 108 27.80 -3.49 -0.67
CA THR A 108 28.37 -4.81 -0.43
C THR A 108 28.47 -4.97 1.08
N LYS A 109 28.02 -3.96 1.80
CA LYS A 109 28.06 -4.00 3.26
C LYS A 109 26.68 -3.63 3.82
N ILE A 110 26.45 -4.03 5.06
CA ILE A 110 25.18 -3.74 5.72
C ILE A 110 25.47 -3.41 7.19
N VAL A 111 24.76 -2.41 7.72
CA VAL A 111 24.93 -2.01 9.11
C VAL A 111 23.76 -2.61 9.88
N TYR A 112 24.07 -3.65 10.63
CA TYR A 112 23.09 -4.39 11.42
C TYR A 112 23.30 -4.02 12.89
N PHE A 113 22.19 -3.81 13.60
CA PHE A 113 22.29 -3.44 15.01
C PHE A 113 22.23 -4.58 16.00
N MET A 114 23.22 -4.59 16.89
CA MET A 114 23.35 -5.63 17.90
C MET A 114 22.55 -5.32 19.16
N THR A 115 22.64 -4.08 19.65
CA THR A 115 21.92 -3.72 20.86
C THR A 115 21.40 -2.29 20.81
N ILE A 116 20.42 -2.04 21.68
CA ILE A 116 19.80 -0.73 21.84
C ILE A 116 19.56 -0.57 23.34
N ASP A 117 19.91 0.59 23.90
CA ASP A 117 19.71 0.83 25.32
C ASP A 117 19.24 2.25 25.60
N LYS A 118 18.91 2.50 26.86
CA LYS A 118 18.49 3.82 27.31
C LYS A 118 17.64 4.59 26.30
N VAL A 119 16.57 3.95 25.84
CA VAL A 119 15.65 4.59 24.91
C VAL A 119 14.55 5.22 25.74
N LYS A 120 14.39 6.52 25.60
CA LYS A 120 13.35 7.22 26.34
C LYS A 120 12.52 8.08 25.39
N PHE A 121 11.21 7.89 25.40
CA PHE A 121 10.32 8.66 24.54
C PHE A 121 9.73 9.79 25.39
N ARG A 122 10.08 11.02 25.05
CA ARG A 122 9.62 12.18 25.82
C ARG A 122 8.38 12.88 25.25
N ILE A 123 8.31 12.99 23.93
CA ILE A 123 7.19 13.68 23.32
C ILE A 123 6.71 12.97 22.05
N PRO A 124 5.38 12.85 21.88
CA PRO A 124 4.89 12.19 20.67
C PRO A 124 5.22 12.95 19.39
N VAL A 125 5.50 12.21 18.34
CA VAL A 125 5.79 12.77 17.03
C VAL A 125 4.53 12.63 16.19
N THR A 126 4.20 13.68 15.44
CA THR A 126 2.98 13.69 14.64
C THR A 126 3.17 14.32 13.26
N PRO A 127 2.18 14.13 12.37
CA PRO A 127 2.26 14.70 11.01
C PRO A 127 2.51 16.21 11.08
N GLY A 128 3.46 16.70 10.29
CA GLY A 128 3.80 18.10 10.28
C GLY A 128 5.15 18.31 10.94
N ASP A 129 5.58 17.32 11.73
CA ASP A 129 6.87 17.38 12.44
C ASP A 129 8.06 17.07 11.56
N ARG A 130 9.20 17.69 11.90
CA ARG A 130 10.47 17.47 11.21
C ARG A 130 11.31 16.75 12.24
N LEU A 131 11.41 15.43 12.10
CA LEU A 131 12.15 14.60 13.04
C LEU A 131 13.64 14.61 12.76
N GLU A 132 14.34 15.46 13.51
CA GLU A 132 15.78 15.60 13.35
C GLU A 132 16.54 14.58 14.19
N TYR A 133 17.43 13.81 13.55
CA TYR A 133 18.23 12.80 14.24
C TYR A 133 19.60 13.35 14.60
N HIS A 134 19.99 13.22 15.86
CA HIS A 134 21.30 13.68 16.32
C HIS A 134 22.08 12.50 16.89
N LEU A 135 23.10 12.05 16.19
CA LEU A 135 23.90 10.92 16.66
C LEU A 135 25.38 11.29 16.78
N GLU A 136 25.98 10.97 17.93
CA GLU A 136 27.40 11.22 18.14
C GLU A 136 28.07 9.86 18.27
N VAL A 137 29.34 9.76 17.89
CA VAL A 137 30.08 8.50 17.99
C VAL A 137 30.67 8.34 19.40
N LEU A 138 30.13 7.38 20.15
CA LEU A 138 30.60 7.14 21.50
C LEU A 138 31.86 6.27 21.52
N LYS A 139 32.00 5.41 20.52
CA LYS A 139 33.15 4.51 20.46
C LYS A 139 33.15 3.73 19.14
N HIS A 140 34.31 3.62 18.51
CA HIS A 140 34.41 2.88 17.25
C HIS A 140 35.78 2.21 17.14
N LYS A 141 35.75 0.95 16.73
CA LYS A 141 36.96 0.14 16.59
C LYS A 141 36.66 -0.81 15.43
N GLY A 142 37.15 -0.45 14.25
CA GLY A 142 36.93 -1.31 13.11
C GLY A 142 35.47 -1.27 12.67
N MET A 143 34.86 -2.45 12.60
CA MET A 143 33.49 -2.58 12.14
C MET A 143 32.45 -2.43 13.25
N ILE A 144 32.90 -2.25 14.48
CA ILE A 144 31.96 -2.12 15.60
C ILE A 144 31.77 -0.66 15.97
N TRP A 145 30.53 -0.19 15.90
CA TRP A 145 30.23 1.20 16.20
C TRP A 145 29.19 1.40 17.28
N GLN A 146 29.52 2.23 18.26
CA GLN A 146 28.62 2.56 19.35
C GLN A 146 28.30 4.04 19.27
N VAL A 147 27.03 4.36 19.07
CA VAL A 147 26.61 5.75 18.97
C VAL A 147 25.43 6.04 19.89
N GLY A 148 25.15 7.33 20.08
CA GLY A 148 24.05 7.70 20.94
C GLY A 148 23.61 9.09 20.57
N GLY A 149 22.41 9.46 20.98
CA GLY A 149 21.92 10.78 20.68
C GLY A 149 20.43 10.92 20.90
N THR A 150 19.82 11.87 20.20
CA THR A 150 18.41 12.11 20.37
C THR A 150 17.72 12.36 19.04
N ALA A 151 16.40 12.41 19.11
CA ALA A 151 15.55 12.72 17.97
C ALA A 151 14.96 14.05 18.41
N GLN A 152 15.09 15.09 17.60
CA GLN A 152 14.55 16.38 17.98
C GLN A 152 13.51 16.94 17.03
N VAL A 153 12.63 17.75 17.58
CA VAL A 153 11.58 18.40 16.80
C VAL A 153 11.53 19.83 17.32
N ASP A 154 11.92 20.78 16.47
CA ASP A 154 11.93 22.19 16.83
C ASP A 154 12.87 22.45 18.02
N GLY A 155 14.04 21.84 17.98
CA GLY A 155 15.00 22.05 19.05
C GLY A 155 14.73 21.36 20.37
N LYS A 156 13.61 20.62 20.46
CA LYS A 156 13.28 19.91 21.70
C LYS A 156 13.43 18.39 21.55
N VAL A 157 14.03 17.76 22.54
CA VAL A 157 14.24 16.32 22.52
C VAL A 157 12.92 15.56 22.63
N VAL A 158 12.61 14.72 21.65
CA VAL A 158 11.37 13.93 21.68
C VAL A 158 11.71 12.48 21.98
N ALA A 159 12.98 12.13 21.79
CA ALA A 159 13.43 10.77 22.04
C ALA A 159 14.96 10.73 22.18
N GLU A 160 15.46 9.68 22.83
CA GLU A 160 16.89 9.48 23.03
C GLU A 160 17.19 7.98 23.10
N ALA A 161 18.34 7.59 22.56
CA ALA A 161 18.72 6.19 22.57
C ALA A 161 20.21 5.97 22.32
N GLU A 162 20.65 4.73 22.57
CA GLU A 162 22.03 4.33 22.37
C GLU A 162 21.99 3.00 21.65
N LEU A 163 22.87 2.84 20.67
CA LEU A 163 22.91 1.64 19.88
C LEU A 163 24.35 1.27 19.59
N LYS A 164 24.56 -0.02 19.35
CA LYS A 164 25.86 -0.54 18.99
C LYS A 164 25.56 -1.24 17.68
N ALA A 165 26.27 -0.86 16.63
CA ALA A 165 26.04 -1.47 15.32
C ALA A 165 27.25 -2.25 14.84
N MET A 166 26.98 -3.12 13.88
CA MET A 166 28.00 -3.95 13.30
C MET A 166 27.92 -3.77 11.79
N ILE A 167 29.05 -3.43 11.17
CA ILE A 167 29.09 -3.27 9.73
C ILE A 167 29.46 -4.65 9.23
N ALA A 168 28.52 -5.30 8.57
CA ALA A 168 28.73 -6.65 8.09
C ALA A 168 28.80 -6.71 6.58
N GLU A 169 29.25 -7.87 6.11
CA GLU A 169 29.36 -8.14 4.69
C GLU A 169 27.91 -8.36 4.24
N ARG A 170 27.57 -8.03 3.00
CA ARG A 170 26.20 -8.25 2.56
C ARG A 170 25.99 -9.69 2.07
N GLU A 171 27.09 -10.40 1.83
CA GLU A 171 27.03 -11.80 1.39
C GLU A 171 27.98 -12.66 2.21
N GLN B 21 -7.71 -14.37 29.94
CA GLN B 21 -7.85 -15.79 30.35
C GLN B 21 -7.80 -16.73 29.14
N SER B 22 -6.99 -17.78 29.26
CA SER B 22 -6.77 -18.80 28.21
C SER B 22 -6.06 -18.16 27.00
N GLN B 23 -6.59 -18.36 25.80
CA GLN B 23 -5.96 -17.77 24.63
C GLN B 23 -6.93 -16.90 23.81
N PHE B 24 -6.38 -15.81 23.26
CA PHE B 24 -7.15 -14.86 22.48
C PHE B 24 -6.71 -14.86 21.02
N PHE B 25 -7.66 -14.83 20.11
CA PHE B 25 -7.34 -14.80 18.69
C PHE B 25 -7.41 -13.37 18.21
N ILE B 26 -6.91 -13.14 17.00
CA ILE B 26 -6.87 -11.81 16.40
C ILE B 26 -8.14 -11.00 16.66
N GLU B 27 -9.30 -11.65 16.60
CA GLU B 27 -10.56 -10.97 16.83
C GLU B 27 -10.52 -10.28 18.19
N HIS B 28 -10.29 -11.06 19.25
CA HIS B 28 -10.23 -10.49 20.59
C HIS B 28 -9.16 -9.40 20.67
N ILE B 29 -8.01 -9.65 20.06
CA ILE B 29 -6.93 -8.67 20.08
C ILE B 29 -7.37 -7.35 19.48
N LEU B 30 -8.15 -7.41 18.40
CA LEU B 30 -8.62 -6.20 17.74
C LEU B 30 -9.52 -5.35 18.64
N GLN B 31 -10.15 -5.99 19.61
CA GLN B 31 -11.03 -5.30 20.54
C GLN B 31 -10.34 -4.63 21.72
N ILE B 32 -9.11 -5.06 22.00
CA ILE B 32 -8.37 -4.49 23.11
C ILE B 32 -7.33 -3.47 22.63
N LEU B 33 -6.49 -3.88 21.70
CA LEU B 33 -5.47 -2.98 21.18
C LEU B 33 -6.07 -2.02 20.16
N PRO B 34 -5.61 -0.77 20.13
CA PRO B 34 -6.12 0.22 19.17
C PRO B 34 -5.34 0.13 17.84
N HIS B 35 -4.19 -0.55 17.89
CA HIS B 35 -3.36 -0.72 16.71
C HIS B 35 -4.10 -1.39 15.57
N ARG B 36 -3.88 -0.90 14.36
CA ARG B 36 -4.49 -1.48 13.17
C ARG B 36 -3.42 -1.57 12.08
N TYR B 37 -3.73 -2.25 10.98
CA TYR B 37 -2.77 -2.41 9.90
C TYR B 37 -2.21 -1.06 9.43
N PRO B 38 -0.90 -1.00 9.13
CA PRO B 38 0.10 -2.07 9.18
C PRO B 38 0.96 -2.02 10.44
N MET B 39 0.34 -1.77 11.59
CA MET B 39 1.10 -1.66 12.83
C MET B 39 0.67 -2.56 13.98
N LEU B 40 -0.30 -3.44 13.74
CA LEU B 40 -0.74 -4.38 14.77
C LEU B 40 0.11 -5.63 14.55
N LEU B 41 1.14 -5.79 15.35
CA LEU B 41 2.07 -6.90 15.19
C LEU B 41 1.93 -8.10 16.15
N VAL B 42 0.70 -8.45 16.51
CA VAL B 42 0.46 -9.58 17.39
C VAL B 42 -0.73 -10.32 16.81
N ASP B 43 -0.53 -11.56 16.41
CA ASP B 43 -1.61 -12.33 15.80
C ASP B 43 -2.41 -13.20 16.75
N ARG B 44 -1.79 -13.66 17.83
CA ARG B 44 -2.50 -14.54 18.74
C ARG B 44 -1.83 -14.60 20.10
N ILE B 45 -2.64 -14.68 21.16
CA ILE B 45 -2.17 -14.78 22.52
C ILE B 45 -2.42 -16.24 22.92
N THR B 46 -1.36 -17.01 23.12
CA THR B 46 -1.54 -18.42 23.49
C THR B 46 -1.46 -18.62 25.00
N GLU B 47 -1.05 -17.60 25.72
CA GLU B 47 -0.91 -17.75 27.16
C GLU B 47 -0.86 -16.43 27.92
N LEU B 48 -1.68 -16.32 28.95
CA LEU B 48 -1.71 -15.10 29.75
C LEU B 48 -1.98 -15.44 31.21
N GLN B 49 -1.29 -14.75 32.12
CA GLN B 49 -1.45 -14.95 33.56
C GLN B 49 -1.36 -13.59 34.23
N ALA B 50 -2.50 -13.11 34.73
CA ALA B 50 -2.60 -11.81 35.38
C ALA B 50 -1.43 -11.41 36.30
N ASN B 51 -0.93 -10.20 36.09
CA ASN B 51 0.19 -9.62 36.85
C ASN B 51 1.46 -10.44 36.68
N GLN B 52 1.40 -11.50 35.89
CA GLN B 52 2.55 -12.39 35.71
C GLN B 52 3.26 -12.44 34.35
N LYS B 53 2.67 -13.16 33.39
CA LYS B 53 3.30 -13.32 32.10
C LYS B 53 2.34 -13.50 30.92
N ILE B 54 2.88 -13.34 29.72
CA ILE B 54 2.11 -13.51 28.50
C ILE B 54 2.98 -14.21 27.47
N VAL B 55 2.35 -15.02 26.63
CA VAL B 55 3.05 -15.68 25.56
C VAL B 55 2.17 -15.52 24.33
N ALA B 56 2.67 -14.81 23.34
CA ALA B 56 1.92 -14.57 22.12
C ALA B 56 2.85 -14.76 20.93
N TYR B 57 2.37 -14.42 19.75
CA TYR B 57 3.19 -14.52 18.56
C TYR B 57 2.61 -13.81 17.36
N LYS B 58 3.48 -13.58 16.39
CA LYS B 58 3.12 -12.95 15.14
C LYS B 58 3.78 -13.80 14.06
N ASN B 59 3.01 -14.19 13.06
CA ASN B 59 3.55 -14.98 11.97
C ASN B 59 4.26 -14.04 11.00
N ILE B 60 5.46 -14.44 10.55
CA ILE B 60 6.19 -13.63 9.59
C ILE B 60 6.09 -14.31 8.23
N THR B 61 5.56 -13.59 7.26
CA THR B 61 5.38 -14.10 5.90
C THR B 61 5.92 -13.08 4.91
N PHE B 62 6.40 -13.54 3.77
CA PHE B 62 6.95 -12.63 2.75
C PHE B 62 5.94 -11.58 2.29
N ASN B 63 4.66 -11.92 2.38
CA ASN B 63 3.57 -11.06 1.93
C ASN B 63 3.26 -9.87 2.85
N GLU B 64 4.30 -9.19 3.30
CA GLU B 64 4.11 -8.03 4.16
C GLU B 64 4.83 -6.85 3.50
N ASP B 65 4.10 -5.74 3.37
CA ASP B 65 4.63 -4.53 2.73
C ASP B 65 6.03 -4.19 3.22
N VAL B 66 6.27 -4.35 4.52
CA VAL B 66 7.56 -4.05 5.12
C VAL B 66 8.77 -4.68 4.40
N PHE B 67 8.60 -5.91 3.92
CA PHE B 67 9.68 -6.60 3.24
C PHE B 67 10.10 -6.00 1.92
N ASN B 68 9.31 -5.07 1.41
CA ASN B 68 9.67 -4.43 0.14
C ASN B 68 10.96 -3.64 0.33
N GLY B 69 11.13 -3.05 1.50
CA GLY B 69 12.32 -2.24 1.73
C GLY B 69 13.25 -2.69 2.83
N HIS B 70 13.08 -3.92 3.28
CA HIS B 70 13.93 -4.39 4.36
C HIS B 70 14.23 -5.88 4.26
N PHE B 71 14.99 -6.29 3.24
CA PHE B 71 15.53 -5.40 2.22
C PHE B 71 15.33 -6.06 0.86
N PRO B 72 15.49 -5.32 -0.24
CA PRO B 72 15.32 -5.91 -1.58
C PRO B 72 16.20 -7.15 -1.76
N ASN B 73 15.60 -8.24 -2.25
CA ASN B 73 16.34 -9.48 -2.46
C ASN B 73 16.91 -10.05 -1.15
N LYS B 74 16.41 -9.58 0.00
CA LYS B 74 16.89 -10.04 1.31
C LYS B 74 15.91 -9.71 2.45
N PRO B 75 14.76 -10.40 2.51
CA PRO B 75 13.75 -10.16 3.54
C PRO B 75 14.17 -10.45 4.97
N ILE B 76 14.18 -9.41 5.79
CA ILE B 76 14.54 -9.50 7.19
C ILE B 76 13.56 -8.64 7.98
N PHE B 77 12.74 -9.28 8.81
CA PHE B 77 11.78 -8.55 9.62
C PHE B 77 12.60 -7.61 10.52
N PRO B 78 12.25 -6.31 10.53
CA PRO B 78 12.97 -5.32 11.35
C PRO B 78 13.06 -5.68 12.84
N GLY B 79 14.18 -5.31 13.45
CA GLY B 79 14.36 -5.57 14.87
C GLY B 79 13.51 -4.65 15.73
N VAL B 80 13.40 -3.39 15.34
CA VAL B 80 12.59 -2.44 16.12
C VAL B 80 11.12 -2.87 16.10
N LEU B 81 10.73 -3.64 15.08
CA LEU B 81 9.36 -4.12 14.98
C LEU B 81 9.17 -5.33 15.89
N ILE B 82 10.24 -6.10 16.07
CA ILE B 82 10.20 -7.25 16.96
C ILE B 82 9.95 -6.65 18.35
N VAL B 83 10.60 -5.53 18.60
CA VAL B 83 10.48 -4.80 19.85
C VAL B 83 9.07 -4.20 19.98
N GLU B 84 8.53 -3.70 18.88
CA GLU B 84 7.19 -3.12 18.87
C GLU B 84 6.17 -4.22 19.22
N GLY B 85 6.41 -5.41 18.70
CA GLY B 85 5.52 -6.53 18.96
C GLY B 85 5.59 -7.01 20.39
N MET B 86 6.76 -6.86 21.00
CA MET B 86 6.94 -7.26 22.39
C MET B 86 6.21 -6.26 23.27
N ALA B 87 6.27 -4.99 22.88
CA ALA B 87 5.60 -3.92 23.62
C ALA B 87 4.09 -4.12 23.56
N GLN B 88 3.57 -4.39 22.37
CA GLN B 88 2.13 -4.61 22.22
C GLN B 88 1.67 -5.77 23.10
N SER B 89 2.45 -6.85 23.13
CA SER B 89 2.13 -8.01 23.95
C SER B 89 2.18 -7.60 25.42
N GLY B 90 3.26 -6.92 25.79
CA GLY B 90 3.42 -6.46 27.15
C GLY B 90 2.29 -5.52 27.53
N GLY B 91 1.93 -4.65 26.58
CA GLY B 91 0.85 -3.73 26.82
C GLY B 91 -0.43 -4.51 27.02
N PHE B 92 -0.69 -5.47 26.14
CA PHE B 92 -1.88 -6.28 26.24
C PHE B 92 -1.97 -6.96 27.61
N LEU B 93 -0.82 -7.47 28.07
CA LEU B 93 -0.69 -8.13 29.37
C LEU B 93 -1.07 -7.21 30.53
N ALA B 94 -0.47 -6.03 30.57
CA ALA B 94 -0.77 -5.09 31.64
C ALA B 94 -2.25 -4.69 31.64
N PHE B 95 -2.78 -4.33 30.47
CA PHE B 95 -4.18 -3.93 30.40
C PHE B 95 -5.15 -5.00 30.90
N THR B 96 -5.04 -6.20 30.35
CA THR B 96 -5.93 -7.27 30.76
C THR B 96 -5.71 -7.70 32.21
N SER B 97 -4.51 -7.48 32.74
CA SER B 97 -4.23 -7.83 34.13
C SER B 97 -5.10 -7.00 35.08
N LEU B 98 -5.33 -5.74 34.70
CA LEU B 98 -6.12 -4.84 35.53
C LEU B 98 -7.62 -4.90 35.22
N TRP B 99 -7.95 -4.98 33.94
CA TRP B 99 -9.35 -4.98 33.53
C TRP B 99 -9.86 -6.22 32.83
N GLY B 100 -8.98 -7.16 32.54
CA GLY B 100 -9.41 -8.37 31.85
C GLY B 100 -9.81 -8.08 30.42
N PHE B 101 -10.63 -8.95 29.83
CA PHE B 101 -11.09 -8.74 28.46
C PHE B 101 -12.26 -7.77 28.43
N ASP B 102 -11.95 -6.49 28.57
CA ASP B 102 -12.98 -5.47 28.60
C ASP B 102 -12.81 -4.46 27.45
N PRO B 103 -13.48 -4.69 26.32
CA PRO B 103 -13.39 -3.80 25.15
C PRO B 103 -13.78 -2.35 25.39
N GLU B 104 -14.87 -2.13 26.15
CA GLU B 104 -15.31 -0.77 26.42
C GLU B 104 -14.24 0.04 27.14
N ILE B 105 -13.69 -0.52 28.21
CA ILE B 105 -12.65 0.17 28.96
C ILE B 105 -11.41 0.37 28.09
N ALA B 106 -11.16 -0.57 27.18
CA ALA B 106 -10.01 -0.50 26.29
C ALA B 106 -9.99 0.80 25.46
N LYS B 107 -11.17 1.21 25.00
CA LYS B 107 -11.30 2.43 24.21
C LYS B 107 -11.07 3.63 25.12
N THR B 108 -11.17 3.39 26.42
CA THR B 108 -10.99 4.40 27.45
C THR B 108 -9.54 4.59 27.88
N LYS B 109 -8.70 3.60 27.63
CA LYS B 109 -7.30 3.66 28.04
C LYS B 109 -6.24 3.83 26.95
N ILE B 110 -5.07 4.28 27.38
CA ILE B 110 -3.92 4.53 26.52
C ILE B 110 -2.69 3.86 27.13
N VAL B 111 -2.03 3.01 26.34
CA VAL B 111 -0.84 2.33 26.82
C VAL B 111 0.34 2.66 25.93
N TYR B 112 1.10 3.68 26.30
CA TYR B 112 2.26 4.05 25.50
C TYR B 112 3.54 3.71 26.28
N PHE B 113 4.64 3.49 25.58
CA PHE B 113 5.87 3.15 26.27
C PHE B 113 6.83 4.31 26.50
N MET B 114 7.20 4.48 27.76
CA MET B 114 8.09 5.53 28.19
C MET B 114 9.55 5.19 27.93
N THR B 115 9.91 3.95 28.26
CA THR B 115 11.27 3.45 28.15
C THR B 115 11.39 2.09 27.46
N ILE B 116 12.61 1.76 27.07
CA ILE B 116 12.98 0.50 26.43
C ILE B 116 14.47 0.38 26.70
N ASP B 117 14.90 -0.71 27.32
CA ASP B 117 16.32 -0.88 27.62
C ASP B 117 16.75 -2.34 27.49
N LYS B 118 18.05 -2.58 27.48
CA LYS B 118 18.57 -3.94 27.38
C LYS B 118 18.04 -4.67 26.15
N VAL B 119 18.04 -4.01 25.00
CA VAL B 119 17.56 -4.65 23.78
C VAL B 119 18.73 -5.32 23.07
N LYS B 120 18.59 -6.61 22.80
CA LYS B 120 19.64 -7.37 22.12
C LYS B 120 19.08 -8.22 20.98
N PHE B 121 19.73 -8.18 19.82
CA PHE B 121 19.31 -8.98 18.69
C PHE B 121 20.33 -10.10 18.49
N ARG B 122 19.86 -11.34 18.44
CA ARG B 122 20.76 -12.46 18.28
C ARG B 122 20.66 -13.16 16.94
N ILE B 123 19.43 -13.38 16.48
CA ILE B 123 19.19 -14.08 15.23
C ILE B 123 18.23 -13.33 14.29
N PRO B 124 18.53 -13.32 12.99
CA PRO B 124 17.64 -12.61 12.05
C PRO B 124 16.32 -13.37 11.93
N VAL B 125 15.22 -12.62 11.82
CA VAL B 125 13.91 -13.22 11.69
C VAL B 125 13.47 -13.08 10.23
N THR B 126 13.01 -14.16 9.61
CA THR B 126 12.62 -14.10 8.22
C THR B 126 11.26 -14.72 7.93
N PRO B 127 10.75 -14.49 6.70
CA PRO B 127 9.45 -15.02 6.28
C PRO B 127 9.37 -16.52 6.52
N GLY B 128 8.32 -16.95 7.22
CA GLY B 128 8.17 -18.35 7.51
C GLY B 128 8.35 -18.64 8.98
N ASP B 129 8.93 -17.67 9.70
CA ASP B 129 9.15 -17.79 11.13
C ASP B 129 7.92 -17.44 11.93
N ARG B 130 7.79 -18.08 13.08
CA ARG B 130 6.69 -17.78 13.99
C ARG B 130 7.37 -17.03 15.13
N LEU B 131 7.23 -15.71 15.14
CA LEU B 131 7.85 -14.87 16.17
C LEU B 131 7.03 -14.90 17.46
N GLU B 132 7.51 -15.68 18.43
CA GLU B 132 6.81 -15.84 19.71
C GLU B 132 7.32 -14.83 20.75
N TYR B 133 6.39 -14.12 21.38
CA TYR B 133 6.75 -13.12 22.38
C TYR B 133 6.57 -13.65 23.80
N HIS B 134 7.62 -13.51 24.61
CA HIS B 134 7.57 -13.97 26.00
C HIS B 134 7.88 -12.80 26.92
N LEU B 135 6.84 -12.21 27.49
CA LEU B 135 6.99 -11.07 28.39
C LEU B 135 6.43 -11.39 29.77
N GLU B 136 7.16 -10.98 30.80
CA GLU B 136 6.74 -11.18 32.17
C GLU B 136 6.78 -9.82 32.86
N VAL B 137 5.92 -9.65 33.85
CA VAL B 137 5.86 -8.40 34.58
C VAL B 137 7.04 -8.37 35.56
N LEU B 138 7.99 -7.46 35.34
CA LEU B 138 9.15 -7.35 36.23
C LEU B 138 8.70 -6.67 37.51
N LYS B 139 7.97 -5.56 37.34
CA LYS B 139 7.45 -4.80 38.46
C LYS B 139 6.40 -3.84 37.93
N HIS B 140 5.51 -3.40 38.82
CA HIS B 140 4.46 -2.48 38.45
C HIS B 140 4.04 -1.69 39.68
N LYS B 141 3.70 -0.42 39.45
CA LYS B 141 3.31 0.49 40.51
C LYS B 141 2.22 1.42 39.95
N GLY B 142 1.02 1.31 40.48
CA GLY B 142 -0.06 2.12 39.97
C GLY B 142 -0.27 1.83 38.50
N MET B 143 -0.07 2.83 37.65
CA MET B 143 -0.25 2.67 36.21
C MET B 143 1.05 2.47 35.45
N ILE B 144 2.17 2.50 36.16
CA ILE B 144 3.46 2.32 35.50
C ILE B 144 3.80 0.84 35.58
N TRP B 145 3.83 0.17 34.42
CA TRP B 145 4.14 -1.25 34.37
C TRP B 145 5.45 -1.56 33.64
N GLN B 146 6.31 -2.33 34.28
CA GLN B 146 7.59 -2.67 33.67
C GLN B 146 7.62 -4.15 33.30
N VAL B 147 7.80 -4.43 32.01
CA VAL B 147 7.85 -5.80 31.52
C VAL B 147 9.15 -6.09 30.80
N GLY B 148 9.45 -7.37 30.62
CA GLY B 148 10.68 -7.74 29.94
C GLY B 148 10.61 -9.19 29.51
N GLY B 149 11.45 -9.54 28.55
CA GLY B 149 11.45 -10.90 28.07
C GLY B 149 12.23 -11.08 26.80
N THR B 150 11.76 -11.99 25.96
CA THR B 150 12.45 -12.31 24.71
C THR B 150 11.48 -12.55 23.57
N ALA B 151 12.05 -12.61 22.36
CA ALA B 151 11.29 -12.91 21.16
C ALA B 151 11.88 -14.27 20.80
N GLN B 152 11.03 -15.24 20.45
CA GLN B 152 11.56 -16.57 20.16
C GLN B 152 11.06 -17.21 18.87
N VAL B 153 11.96 -17.93 18.21
CA VAL B 153 11.62 -18.64 16.98
C VAL B 153 12.11 -20.07 17.17
N ASP B 154 11.20 -21.02 17.05
CA ASP B 154 11.55 -22.43 17.23
C ASP B 154 12.30 -22.71 18.55
N GLY B 155 11.81 -22.12 19.64
CA GLY B 155 12.41 -22.34 20.94
C GLY B 155 13.69 -21.59 21.26
N LYS B 156 14.33 -21.00 20.25
CA LYS B 156 15.56 -20.26 20.46
C LYS B 156 15.28 -18.76 20.63
N VAL B 157 16.18 -18.07 21.34
CA VAL B 157 16.03 -16.63 21.56
C VAL B 157 16.59 -15.83 20.38
N VAL B 158 15.74 -15.02 19.75
CA VAL B 158 16.17 -14.19 18.63
C VAL B 158 16.35 -12.73 19.07
N ALA B 159 15.73 -12.35 20.18
CA ALA B 159 15.85 -10.99 20.70
C ALA B 159 15.46 -10.89 22.17
N GLU B 160 15.99 -9.88 22.84
CA GLU B 160 15.67 -9.67 24.26
C GLU B 160 15.38 -8.19 24.46
N ALA B 161 14.52 -7.86 25.42
CA ALA B 161 14.19 -6.47 25.68
C ALA B 161 13.43 -6.25 26.98
N GLU B 162 13.61 -5.06 27.54
CA GLU B 162 12.93 -4.64 28.76
C GLU B 162 12.22 -3.33 28.40
N LEU B 163 10.94 -3.23 28.75
CA LEU B 163 10.16 -2.04 28.42
C LEU B 163 9.33 -1.54 29.60
N LYS B 164 9.15 -0.22 29.69
CA LYS B 164 8.34 0.36 30.76
C LYS B 164 7.13 1.03 30.12
N ALA B 165 5.94 0.62 30.54
CA ALA B 165 4.73 1.18 29.98
C ALA B 165 3.95 2.03 30.98
N MET B 166 3.30 3.06 30.45
CA MET B 166 2.47 3.94 31.23
C MET B 166 1.03 3.76 30.72
N ILE B 167 0.10 3.49 31.62
CA ILE B 167 -1.29 3.31 31.22
C ILE B 167 -2.05 4.58 31.58
N ALA B 168 -2.64 5.23 30.58
CA ALA B 168 -3.36 6.48 30.84
C ALA B 168 -4.76 6.52 30.26
N GLU B 169 -5.44 7.64 30.48
CA GLU B 169 -6.79 7.83 29.97
C GLU B 169 -6.69 8.43 28.57
N ARG B 170 -7.37 7.80 27.61
CA ARG B 170 -7.37 8.28 26.22
C ARG B 170 -7.74 9.75 26.23
N GLU B 171 -7.55 10.42 25.09
CA GLU B 171 -7.86 11.86 24.98
C GLU B 171 -6.77 12.63 25.71
N GLN C 21 4.38 2.61 -34.90
CA GLN C 21 3.13 1.85 -34.58
C GLN C 21 1.99 2.85 -34.42
N SER C 22 0.84 2.35 -33.96
CA SER C 22 -0.35 3.17 -33.71
C SER C 22 -1.09 2.60 -32.49
N GLN C 23 -0.79 1.33 -32.16
CA GLN C 23 -1.38 0.67 -31.00
C GLN C 23 -0.32 0.15 -30.05
N PHE C 24 -0.14 0.81 -28.91
CA PHE C 24 0.85 0.35 -27.95
C PHE C 24 0.19 -0.15 -26.69
N PHE C 25 0.48 -1.38 -26.30
CA PHE C 25 -0.10 -1.95 -25.10
C PHE C 25 0.73 -1.59 -23.88
N ILE C 26 0.24 -1.96 -22.70
CA ILE C 26 0.92 -1.63 -21.46
C ILE C 26 2.42 -1.92 -21.45
N GLU C 27 2.85 -3.01 -22.07
CA GLU C 27 4.29 -3.29 -22.08
C GLU C 27 5.07 -2.29 -22.90
N HIS C 28 4.49 -1.84 -23.99
CA HIS C 28 5.14 -0.85 -24.84
C HIS C 28 5.19 0.45 -24.06
N ILE C 29 4.11 0.75 -23.36
CA ILE C 29 4.03 1.99 -22.57
C ILE C 29 5.07 1.97 -21.47
N LEU C 30 5.30 0.81 -20.88
CA LEU C 30 6.28 0.66 -19.81
C LEU C 30 7.70 0.93 -20.28
N GLN C 31 7.98 0.61 -21.55
CA GLN C 31 9.31 0.82 -22.09
C GLN C 31 9.55 2.27 -22.54
N ILE C 32 8.50 3.08 -22.60
CA ILE C 32 8.67 4.45 -23.03
C ILE C 32 8.57 5.46 -21.89
N LEU C 33 7.51 5.37 -21.10
CA LEU C 33 7.37 6.29 -19.97
C LEU C 33 8.18 5.74 -18.79
N PRO C 34 8.73 6.62 -17.95
CA PRO C 34 9.50 6.13 -16.80
C PRO C 34 8.56 5.86 -15.65
N HIS C 35 7.38 6.48 -15.71
CA HIS C 35 6.37 6.34 -14.69
C HIS C 35 6.10 4.88 -14.28
N ARG C 36 5.89 4.68 -13.00
CA ARG C 36 5.60 3.36 -12.47
C ARG C 36 4.48 3.48 -11.44
N TYR C 37 4.07 2.36 -10.87
CA TYR C 37 3.00 2.36 -9.89
C TYR C 37 3.39 3.17 -8.64
N PRO C 38 2.48 3.99 -8.12
CA PRO C 38 1.12 4.25 -8.59
C PRO C 38 0.99 5.59 -9.34
N MET C 39 1.84 5.82 -10.33
CA MET C 39 1.76 7.07 -11.06
C MET C 39 1.77 6.90 -12.58
N LEU C 40 1.60 5.67 -13.03
CA LEU C 40 1.52 5.35 -14.45
C LEU C 40 0.02 5.29 -14.73
N LEU C 41 -0.50 6.33 -15.39
CA LEU C 41 -1.93 6.42 -15.65
C LEU C 41 -2.35 6.30 -17.11
N VAL C 42 -1.66 5.45 -17.85
CA VAL C 42 -2.00 5.22 -19.24
C VAL C 42 -1.90 3.73 -19.47
N ASP C 43 -3.05 3.09 -19.61
CA ASP C 43 -3.11 1.66 -19.81
C ASP C 43 -2.92 1.20 -21.25
N ARG C 44 -3.37 2.00 -22.20
CA ARG C 44 -3.26 1.58 -23.59
C ARG C 44 -3.37 2.79 -24.52
N ILE C 45 -2.74 2.70 -25.68
CA ILE C 45 -2.78 3.75 -26.69
C ILE C 45 -3.54 3.17 -27.88
N THR C 46 -4.66 3.76 -28.23
CA THR C 46 -5.48 3.26 -29.35
C THR C 46 -5.13 3.89 -30.70
N GLU C 47 -4.45 5.04 -30.69
CA GLU C 47 -4.02 5.69 -31.93
C GLU C 47 -3.03 6.83 -31.70
N LEU C 48 -2.04 6.90 -32.58
CA LEU C 48 -1.00 7.90 -32.49
C LEU C 48 -0.58 8.37 -33.88
N GLN C 49 -0.52 9.69 -34.05
CA GLN C 49 -0.13 10.29 -35.33
C GLN C 49 1.06 11.17 -35.01
N ALA C 50 2.23 10.77 -35.48
CA ALA C 50 3.44 11.52 -35.25
C ALA C 50 3.23 13.02 -35.49
N ASN C 51 3.53 13.82 -34.48
CA ASN C 51 3.41 15.28 -34.54
C ASN C 51 2.00 15.84 -34.60
N GLN C 52 0.98 14.98 -34.56
CA GLN C 52 -0.38 15.47 -34.65
C GLN C 52 -1.25 15.24 -33.43
N LYS C 53 -1.56 13.99 -33.11
CA LYS C 53 -2.42 13.70 -31.96
C LYS C 53 -2.32 12.29 -31.40
N ILE C 54 -2.87 12.09 -30.21
CA ILE C 54 -2.84 10.77 -29.57
C ILE C 54 -4.14 10.45 -28.84
N VAL C 55 -4.56 9.20 -28.91
CA VAL C 55 -5.77 8.75 -28.23
C VAL C 55 -5.41 7.52 -27.42
N ALA C 56 -5.47 7.65 -26.11
CA ALA C 56 -5.16 6.53 -25.24
C ALA C 56 -6.24 6.49 -24.17
N TYR C 57 -6.03 5.65 -23.16
CA TYR C 57 -6.99 5.57 -22.08
C TYR C 57 -6.48 4.80 -20.88
N LYS C 58 -7.14 5.05 -19.76
CA LYS C 58 -6.85 4.38 -18.52
C LYS C 58 -8.19 3.97 -17.95
N ASN C 59 -8.31 2.70 -17.57
CA ASN C 59 -9.53 2.20 -16.96
C ASN C 59 -9.54 2.69 -15.52
N ILE C 60 -10.74 2.89 -14.99
CA ILE C 60 -10.90 3.35 -13.62
C ILE C 60 -11.68 2.26 -12.88
N THR C 61 -11.05 1.68 -11.86
CA THR C 61 -11.68 0.62 -11.08
C THR C 61 -11.57 0.95 -9.60
N PHE C 62 -12.43 0.35 -8.80
CA PHE C 62 -12.39 0.59 -7.37
C PHE C 62 -11.09 0.06 -6.77
N ASN C 63 -10.50 -0.96 -7.39
CA ASN C 63 -9.28 -1.55 -6.86
C ASN C 63 -8.04 -0.68 -7.01
N GLU C 64 -8.19 0.61 -6.77
CA GLU C 64 -7.06 1.51 -6.86
C GLU C 64 -6.91 2.21 -5.51
N ASP C 65 -5.69 2.29 -5.01
CA ASP C 65 -5.40 2.92 -3.72
C ASP C 65 -6.04 4.30 -3.52
N VAL C 66 -5.93 5.18 -4.51
CA VAL C 66 -6.49 6.54 -4.41
C VAL C 66 -7.91 6.61 -3.92
N PHE C 67 -8.71 5.62 -4.28
CA PHE C 67 -10.11 5.62 -3.86
C PHE C 67 -10.26 5.39 -2.37
N ASN C 68 -9.19 4.99 -1.70
CA ASN C 68 -9.24 4.79 -0.25
C ASN C 68 -9.53 6.11 0.46
N GLY C 69 -9.06 7.22 -0.10
CA GLY C 69 -9.27 8.50 0.55
C GLY C 69 -9.86 9.62 -0.29
N HIS C 70 -10.42 9.31 -1.45
CA HIS C 70 -10.99 10.35 -2.32
C HIS C 70 -12.22 9.85 -3.09
N PHE C 71 -13.33 9.65 -2.38
CA PHE C 71 -13.41 9.86 -0.95
C PHE C 71 -14.04 8.60 -0.34
N PRO C 72 -14.03 8.49 1.00
CA PRO C 72 -14.62 7.30 1.63
C PRO C 72 -16.11 7.28 1.29
N ASN C 73 -16.59 6.12 0.83
CA ASN C 73 -18.00 5.96 0.44
C ASN C 73 -18.38 6.65 -0.86
N LYS C 74 -17.48 7.47 -1.39
CA LYS C 74 -17.76 8.19 -2.63
C LYS C 74 -16.55 8.19 -3.56
N PRO C 75 -16.28 7.05 -4.21
CA PRO C 75 -15.14 6.95 -5.13
C PRO C 75 -15.20 7.92 -6.29
N ILE C 76 -14.28 8.88 -6.31
CA ILE C 76 -14.21 9.87 -7.38
C ILE C 76 -12.76 10.07 -7.79
N PHE C 77 -12.41 9.56 -8.97
CA PHE C 77 -11.07 9.67 -9.49
C PHE C 77 -10.68 11.15 -9.47
N PRO C 78 -9.55 11.48 -8.83
CA PRO C 78 -9.06 12.86 -8.73
C PRO C 78 -8.87 13.57 -10.07
N GLY C 79 -9.38 14.80 -10.12
CA GLY C 79 -9.26 15.58 -11.34
C GLY C 79 -7.81 15.85 -11.69
N VAL C 80 -6.96 16.03 -10.69
CA VAL C 80 -5.55 16.29 -10.94
C VAL C 80 -4.89 15.09 -11.61
N LEU C 81 -5.40 13.90 -11.33
CA LEU C 81 -4.85 12.69 -11.92
C LEU C 81 -5.33 12.49 -13.35
N ILE C 82 -6.44 13.13 -13.71
CA ILE C 82 -6.94 13.06 -15.08
C ILE C 82 -5.96 13.90 -15.89
N VAL C 83 -5.70 15.10 -15.40
CA VAL C 83 -4.78 16.02 -16.05
C VAL C 83 -3.43 15.33 -16.20
N GLU C 84 -2.97 14.70 -15.12
CA GLU C 84 -1.70 13.98 -15.14
C GLU C 84 -1.72 12.89 -16.21
N GLY C 85 -2.83 12.17 -16.29
CA GLY C 85 -2.96 11.13 -17.28
C GLY C 85 -2.94 11.73 -18.67
N MET C 86 -3.37 12.99 -18.76
CA MET C 86 -3.37 13.70 -20.03
C MET C 86 -1.95 14.12 -20.35
N ALA C 87 -1.19 14.47 -19.33
CA ALA C 87 0.20 14.90 -19.52
C ALA C 87 1.03 13.71 -19.98
N GLN C 88 0.77 12.54 -19.41
CA GLN C 88 1.51 11.36 -19.79
C GLN C 88 1.26 11.03 -21.25
N SER C 89 0.01 11.13 -21.67
CA SER C 89 -0.34 10.84 -23.06
C SER C 89 0.39 11.79 -23.99
N GLY C 90 0.44 13.07 -23.62
CA GLY C 90 1.13 14.05 -24.44
C GLY C 90 2.62 13.73 -24.48
N GLY C 91 3.14 13.30 -23.33
CA GLY C 91 4.54 12.96 -23.25
C GLY C 91 4.88 11.80 -24.18
N PHE C 92 4.03 10.78 -24.22
CA PHE C 92 4.28 9.66 -25.11
C PHE C 92 4.21 10.16 -26.55
N LEU C 93 3.31 11.11 -26.78
CA LEU C 93 3.13 11.68 -28.10
C LEU C 93 4.37 12.44 -28.56
N ALA C 94 4.83 13.37 -27.72
CA ALA C 94 6.00 14.15 -28.07
C ALA C 94 7.19 13.23 -28.30
N PHE C 95 7.40 12.30 -27.37
CA PHE C 95 8.53 11.39 -27.51
C PHE C 95 8.49 10.48 -28.73
N THR C 96 7.38 9.77 -28.95
CA THR C 96 7.32 8.89 -30.10
C THR C 96 7.49 9.69 -31.40
N SER C 97 6.96 10.91 -31.44
CA SER C 97 7.07 11.74 -32.63
C SER C 97 8.51 12.02 -33.02
N LEU C 98 9.34 12.25 -32.01
CA LEU C 98 10.76 12.56 -32.19
C LEU C 98 11.67 11.37 -32.44
N TRP C 99 11.42 10.25 -31.76
CA TRP C 99 12.26 9.07 -31.89
C TRP C 99 11.51 7.76 -32.15
N GLY C 100 10.18 7.82 -32.13
CA GLY C 100 9.38 6.63 -32.35
C GLY C 100 9.49 5.67 -31.18
N PHE C 101 9.04 4.43 -31.35
CA PHE C 101 9.14 3.47 -30.27
C PHE C 101 10.60 3.05 -30.10
N ASP C 102 11.30 3.78 -29.25
CA ASP C 102 12.71 3.53 -28.97
C ASP C 102 12.99 3.50 -27.46
N PRO C 103 12.97 2.30 -26.85
CA PRO C 103 13.21 2.12 -25.41
C PRO C 103 14.56 2.63 -24.92
N GLU C 104 15.60 2.37 -25.70
CA GLU C 104 16.95 2.79 -25.36
C GLU C 104 17.06 4.31 -25.21
N ILE C 105 16.60 5.04 -26.21
CA ILE C 105 16.66 6.50 -26.17
C ILE C 105 15.74 7.05 -25.09
N ALA C 106 14.58 6.43 -24.92
CA ALA C 106 13.61 6.88 -23.92
C ALA C 106 14.27 6.97 -22.54
N LYS C 107 15.20 6.05 -22.27
CA LYS C 107 15.91 6.03 -21.00
C LYS C 107 16.80 7.23 -20.75
N THR C 108 17.17 7.94 -21.81
CA THR C 108 18.05 9.09 -21.66
C THR C 108 17.31 10.42 -21.77
N LYS C 109 15.99 10.37 -21.89
CA LYS C 109 15.18 11.58 -22.02
C LYS C 109 14.34 11.90 -20.79
N ILE C 110 13.83 13.13 -20.78
CA ILE C 110 12.98 13.63 -19.70
C ILE C 110 11.93 14.53 -20.31
N VAL C 111 10.67 14.30 -19.97
CA VAL C 111 9.59 15.14 -20.46
C VAL C 111 9.06 15.87 -19.20
N TYR C 112 9.61 17.07 -18.97
CA TYR C 112 9.25 17.89 -17.82
C TYR C 112 8.20 18.94 -18.18
N PHE C 113 7.05 18.85 -17.52
CA PHE C 113 5.95 19.79 -17.77
C PHE C 113 6.09 21.12 -17.03
N MET C 114 6.00 22.21 -17.79
CA MET C 114 6.15 23.54 -17.22
C MET C 114 4.88 24.23 -16.78
N THR C 115 3.81 24.09 -17.57
CA THR C 115 2.55 24.73 -17.22
C THR C 115 1.28 23.93 -17.56
N ILE C 116 0.19 24.35 -16.93
CA ILE C 116 -1.12 23.76 -17.12
C ILE C 116 -2.08 24.93 -17.17
N ASP C 117 -2.93 24.96 -18.19
CA ASP C 117 -3.87 26.07 -18.33
C ASP C 117 -5.21 25.59 -18.82
N LYS C 118 -6.21 26.45 -18.70
CA LYS C 118 -7.57 26.17 -19.15
C LYS C 118 -8.08 24.78 -18.84
N VAL C 119 -8.00 24.36 -17.59
CA VAL C 119 -8.48 23.04 -17.21
C VAL C 119 -9.91 23.16 -16.75
N LYS C 120 -10.79 22.35 -17.32
CA LYS C 120 -12.20 22.37 -16.94
C LYS C 120 -12.66 20.95 -16.66
N PHE C 121 -13.43 20.78 -15.59
CA PHE C 121 -13.98 19.47 -15.24
C PHE C 121 -15.49 19.58 -15.36
N ARG C 122 -16.07 18.80 -16.27
CA ARG C 122 -17.51 18.85 -16.53
C ARG C 122 -18.32 17.79 -15.80
N ILE C 123 -17.83 16.55 -15.79
CA ILE C 123 -18.54 15.46 -15.11
C ILE C 123 -17.54 14.51 -14.42
N PRO C 124 -17.81 14.16 -13.15
CA PRO C 124 -16.94 13.26 -12.37
C PRO C 124 -16.64 11.92 -13.01
N VAL C 125 -15.47 11.38 -12.67
CA VAL C 125 -14.99 10.11 -13.18
C VAL C 125 -15.04 9.11 -12.02
N THR C 126 -15.61 7.94 -12.28
CA THR C 126 -15.76 6.94 -11.23
C THR C 126 -15.41 5.52 -11.64
N PRO C 127 -15.29 4.62 -10.64
CA PRO C 127 -14.97 3.22 -10.91
C PRO C 127 -15.92 2.66 -11.98
N GLY C 128 -15.35 2.04 -13.01
CA GLY C 128 -16.15 1.48 -14.09
C GLY C 128 -16.03 2.31 -15.35
N ASP C 129 -15.42 3.49 -15.25
CA ASP C 129 -15.27 4.38 -16.40
C ASP C 129 -14.00 4.11 -17.19
N ARG C 130 -14.10 4.28 -18.51
CA ARG C 130 -12.95 4.11 -19.39
C ARG C 130 -12.55 5.55 -19.73
N LEU C 131 -11.50 6.04 -19.06
CA LEU C 131 -11.05 7.42 -19.25
C LEU C 131 -10.16 7.60 -20.47
N GLU C 132 -10.77 8.06 -21.55
CA GLU C 132 -10.06 8.25 -22.81
C GLU C 132 -9.39 9.62 -22.92
N TYR C 133 -8.08 9.63 -23.14
CA TYR C 133 -7.34 10.88 -23.26
C TYR C 133 -7.22 11.28 -24.73
N HIS C 134 -7.58 12.52 -25.02
CA HIS C 134 -7.49 13.04 -26.38
C HIS C 134 -6.59 14.25 -26.38
N LEU C 135 -5.40 14.11 -26.96
CA LEU C 135 -4.46 15.21 -27.03
C LEU C 135 -3.90 15.40 -28.43
N GLU C 136 -3.63 16.66 -28.77
CA GLU C 136 -3.08 17.05 -30.07
C GLU C 136 -1.97 18.08 -29.84
N VAL C 137 -1.07 18.22 -30.83
CA VAL C 137 0.01 19.18 -30.71
C VAL C 137 -0.46 20.59 -31.09
N LEU C 138 -0.55 21.48 -30.10
CA LEU C 138 -0.97 22.85 -30.37
C LEU C 138 0.20 23.65 -30.90
N LYS C 139 1.40 23.29 -30.48
CA LYS C 139 2.59 23.99 -30.92
C LYS C 139 3.86 23.24 -30.54
N HIS C 140 4.86 23.32 -31.41
CA HIS C 140 6.13 22.68 -31.17
C HIS C 140 7.26 23.57 -31.67
N LYS C 141 8.10 24.04 -30.76
CA LYS C 141 9.23 24.87 -31.13
C LYS C 141 10.44 24.43 -30.33
N GLY C 142 11.32 23.67 -30.98
CA GLY C 142 12.50 23.19 -30.30
C GLY C 142 12.14 22.15 -29.27
N MET C 143 12.73 22.26 -28.08
CA MET C 143 12.50 21.33 -26.98
C MET C 143 11.14 21.56 -26.30
N ILE C 144 10.49 22.67 -26.63
CA ILE C 144 9.21 23.01 -26.03
C ILE C 144 8.01 22.52 -26.84
N TRP C 145 7.17 21.70 -26.22
CA TRP C 145 5.98 21.17 -26.87
C TRP C 145 4.75 21.61 -26.11
N GLN C 146 3.70 21.97 -26.84
CA GLN C 146 2.46 22.39 -26.21
C GLN C 146 1.33 21.53 -26.75
N VAL C 147 0.70 20.78 -25.87
CA VAL C 147 -0.40 19.89 -26.26
C VAL C 147 -1.70 20.29 -25.59
N GLY C 148 -2.81 19.81 -26.13
CA GLY C 148 -4.10 20.16 -25.56
C GLY C 148 -5.19 19.20 -26.01
N GLY C 149 -6.24 19.11 -25.21
CA GLY C 149 -7.31 18.22 -25.59
C GLY C 149 -8.34 17.98 -24.51
N THR C 150 -8.85 16.77 -24.49
CA THR C 150 -9.88 16.40 -23.53
C THR C 150 -9.72 14.97 -23.02
N ALA C 151 -10.46 14.68 -21.96
CA ALA C 151 -10.49 13.35 -21.38
C ALA C 151 -11.97 13.06 -21.60
N GLN C 152 -12.26 11.91 -22.21
CA GLN C 152 -13.64 11.55 -22.50
C GLN C 152 -14.03 10.17 -21.96
N VAL C 153 -15.30 10.04 -21.59
CA VAL C 153 -15.85 8.81 -21.08
C VAL C 153 -17.11 8.56 -21.91
N ASP C 154 -17.03 7.58 -22.81
CA ASP C 154 -18.14 7.22 -23.67
C ASP C 154 -18.61 8.37 -24.58
N GLY C 155 -17.66 9.00 -25.26
CA GLY C 155 -18.00 10.07 -26.18
C GLY C 155 -18.27 11.43 -25.56
N LYS C 156 -18.58 11.47 -24.27
CA LYS C 156 -18.85 12.73 -23.62
C LYS C 156 -17.57 13.28 -22.98
N VAL C 157 -17.33 14.57 -23.20
CA VAL C 157 -16.16 15.25 -22.65
C VAL C 157 -16.32 15.48 -21.14
N VAL C 158 -15.41 14.91 -20.35
CA VAL C 158 -15.48 15.05 -18.90
C VAL C 158 -14.47 16.07 -18.36
N ALA C 159 -13.46 16.38 -19.16
CA ALA C 159 -12.45 17.35 -18.74
C ALA C 159 -11.62 17.83 -19.93
N GLU C 160 -11.03 19.02 -19.80
CA GLU C 160 -10.20 19.56 -20.85
C GLU C 160 -8.97 20.21 -20.22
N ALA C 161 -7.94 20.43 -21.02
CA ALA C 161 -6.73 21.05 -20.51
C ALA C 161 -5.66 21.27 -21.56
N GLU C 162 -4.90 22.34 -21.37
CA GLU C 162 -3.79 22.69 -22.26
C GLU C 162 -2.52 22.56 -21.40
N LEU C 163 -1.53 21.85 -21.92
CA LEU C 163 -0.29 21.63 -21.19
C LEU C 163 0.96 21.91 -22.01
N LYS C 164 2.00 22.41 -21.37
CA LYS C 164 3.25 22.71 -22.05
C LYS C 164 4.39 21.96 -21.37
N ALA C 165 5.23 21.33 -22.18
CA ALA C 165 6.35 20.57 -21.64
C ALA C 165 7.64 20.88 -22.37
N MET C 166 8.75 20.48 -21.76
CA MET C 166 10.06 20.68 -22.34
C MET C 166 10.79 19.34 -22.39
N ILE C 167 11.28 18.96 -23.57
CA ILE C 167 12.03 17.72 -23.73
C ILE C 167 13.46 18.00 -23.27
N ALA C 168 14.09 17.04 -22.62
CA ALA C 168 15.45 17.24 -22.14
C ALA C 168 16.21 15.96 -21.82
N GLU C 169 17.50 16.12 -21.55
CA GLU C 169 18.38 15.01 -21.22
C GLU C 169 18.17 14.56 -19.77
N ARG C 170 18.04 13.25 -19.54
CA ARG C 170 17.87 12.75 -18.19
C ARG C 170 19.17 12.96 -17.43
N GLU C 171 19.19 12.65 -16.13
CA GLU C 171 20.41 12.84 -15.34
C GLU C 171 20.59 11.81 -14.22
N LEU D 20 -12.72 31.72 15.95
CA LEU D 20 -12.10 30.87 14.90
C LEU D 20 -10.58 30.85 15.02
N GLN D 21 -10.01 29.66 15.19
CA GLN D 21 -8.55 29.51 15.32
C GLN D 21 -7.84 29.93 14.04
N SER D 22 -6.52 29.78 14.05
CA SER D 22 -5.64 30.10 12.93
C SER D 22 -4.50 29.09 12.87
N GLN D 23 -4.40 28.27 13.92
CA GLN D 23 -3.37 27.24 14.03
C GLN D 23 -4.07 25.88 14.22
N PHE D 24 -4.22 25.14 13.12
CA PHE D 24 -4.89 23.84 13.14
C PHE D 24 -3.93 22.71 12.83
N PHE D 25 -4.10 21.57 13.49
CA PHE D 25 -3.23 20.42 13.26
C PHE D 25 -3.93 19.28 12.52
N ILE D 26 -3.17 18.25 12.17
CA ILE D 26 -3.71 17.11 11.43
C ILE D 26 -5.02 16.60 12.02
N GLU D 27 -5.15 16.67 13.34
CA GLU D 27 -6.34 16.23 14.04
C GLU D 27 -7.54 17.12 13.68
N HIS D 28 -7.30 18.42 13.55
CA HIS D 28 -8.37 19.33 13.18
C HIS D 28 -8.64 19.15 11.68
N ILE D 29 -7.57 19.01 10.90
CA ILE D 29 -7.71 18.82 9.46
C ILE D 29 -8.53 17.57 9.13
N LEU D 30 -8.30 16.48 9.86
CA LEU D 30 -9.04 15.24 9.65
C LEU D 30 -10.54 15.45 9.87
N GLN D 31 -10.88 16.30 10.83
CA GLN D 31 -12.26 16.59 11.19
C GLN D 31 -12.99 17.55 10.25
N ILE D 32 -12.26 18.25 9.40
CA ILE D 32 -12.88 19.19 8.48
C ILE D 32 -12.87 18.76 7.01
N LEU D 33 -11.70 18.35 6.51
CA LEU D 33 -11.61 17.92 5.12
C LEU D 33 -12.06 16.48 4.99
N PRO D 34 -12.63 16.10 3.84
CA PRO D 34 -13.10 14.73 3.60
C PRO D 34 -11.99 13.83 3.07
N HIS D 35 -10.87 14.41 2.69
CA HIS D 35 -9.75 13.64 2.16
C HIS D 35 -9.13 12.70 3.18
N ARG D 36 -8.71 11.53 2.69
CA ARG D 36 -8.06 10.54 3.51
C ARG D 36 -6.86 9.96 2.76
N TYR D 37 -6.14 9.05 3.43
CA TYR D 37 -4.97 8.44 2.83
C TYR D 37 -5.37 7.68 1.56
N PRO D 38 -4.58 7.80 0.48
CA PRO D 38 -3.35 8.58 0.33
C PRO D 38 -3.61 9.88 -0.41
N MET D 39 -4.74 10.52 -0.13
CA MET D 39 -5.07 11.76 -0.82
C MET D 39 -5.28 12.98 0.06
N LEU D 40 -5.01 12.87 1.35
CA LEU D 40 -5.13 14.03 2.24
C LEU D 40 -3.72 14.63 2.21
N LEU D 41 -3.52 15.68 1.42
CA LEU D 41 -2.20 16.27 1.28
C LEU D 41 -1.92 17.56 2.02
N VAL D 42 -2.51 17.73 3.19
CA VAL D 42 -2.25 18.92 4.00
C VAL D 42 -2.04 18.41 5.41
N ASP D 43 -0.89 18.73 6.01
CA ASP D 43 -0.59 18.26 7.36
C ASP D 43 -0.89 19.27 8.45
N ARG D 44 -0.73 20.55 8.16
CA ARG D 44 -0.95 21.56 9.18
C ARG D 44 -1.28 22.93 8.62
N ILE D 45 -2.10 23.67 9.35
CA ILE D 45 -2.49 25.03 8.96
C ILE D 45 -1.76 25.97 9.91
N THR D 46 -1.05 26.94 9.35
CA THR D 46 -0.30 27.88 10.18
C THR D 46 -0.95 29.26 10.32
N GLU D 47 -1.65 29.70 9.29
CA GLU D 47 -2.28 31.02 9.30
C GLU D 47 -3.62 30.92 8.54
N LEU D 48 -4.67 31.51 9.09
CA LEU D 48 -5.97 31.47 8.41
C LEU D 48 -6.79 32.73 8.67
N GLN D 49 -7.22 33.38 7.58
CA GLN D 49 -8.04 34.59 7.68
C GLN D 49 -9.35 34.37 6.92
N ALA D 50 -10.40 34.04 7.67
CA ALA D 50 -11.71 33.78 7.07
C ALA D 50 -12.03 34.62 5.82
N ASN D 51 -12.44 33.93 4.76
CA ASN D 51 -12.80 34.55 3.48
C ASN D 51 -11.68 35.29 2.76
N GLN D 52 -10.46 35.24 3.29
CA GLN D 52 -9.37 35.96 2.64
C GLN D 52 -8.15 35.15 2.23
N LYS D 53 -7.37 34.66 3.19
CA LYS D 53 -6.18 33.89 2.86
C LYS D 53 -5.91 32.75 3.82
N ILE D 54 -4.96 31.91 3.43
CA ILE D 54 -4.58 30.77 4.25
C ILE D 54 -3.18 30.29 3.91
N VAL D 55 -2.45 29.88 4.94
CA VAL D 55 -1.11 29.34 4.75
C VAL D 55 -1.08 27.99 5.46
N ALA D 56 -0.63 26.97 4.75
CA ALA D 56 -0.56 25.62 5.31
C ALA D 56 0.64 24.93 4.72
N TYR D 57 0.84 23.66 5.06
CA TYR D 57 1.96 22.95 4.48
C TYR D 57 1.84 21.45 4.60
N LYS D 58 2.61 20.77 3.77
CA LYS D 58 2.64 19.32 3.74
C LYS D 58 4.12 18.94 3.70
N ASN D 59 4.55 18.12 4.66
CA ASN D 59 5.95 17.67 4.67
C ASN D 59 6.08 16.62 3.58
N ILE D 60 7.20 16.64 2.87
CA ILE D 60 7.44 15.65 1.84
C ILE D 60 8.52 14.70 2.34
N THR D 61 8.16 13.42 2.43
CA THR D 61 9.10 12.43 2.89
C THR D 61 9.24 11.30 1.87
N PHE D 62 10.38 10.63 1.87
CA PHE D 62 10.61 9.54 0.95
C PHE D 62 9.66 8.41 1.28
N ASN D 63 9.18 8.40 2.51
CA ASN D 63 8.30 7.33 2.96
C ASN D 63 6.86 7.41 2.46
N GLU D 64 6.65 7.99 1.28
CA GLU D 64 5.31 8.06 0.72
C GLU D 64 5.23 7.12 -0.49
N ASP D 65 4.15 6.34 -0.56
CA ASP D 65 3.97 5.37 -1.65
C ASP D 65 4.07 5.98 -3.04
N VAL D 66 3.66 7.24 -3.16
CA VAL D 66 3.70 7.91 -4.46
C VAL D 66 5.10 7.91 -5.08
N PHE D 67 6.15 7.93 -4.27
CA PHE D 67 7.50 7.94 -4.80
C PHE D 67 7.95 6.60 -5.38
N ASN D 68 7.17 5.55 -5.15
CA ASN D 68 7.52 4.26 -5.70
C ASN D 68 7.58 4.35 -7.23
N GLY D 69 6.68 5.13 -7.82
CA GLY D 69 6.68 5.25 -9.27
C GLY D 69 6.82 6.64 -9.87
N HIS D 70 7.38 7.59 -9.14
CA HIS D 70 7.51 8.95 -9.66
C HIS D 70 8.73 9.71 -9.08
N PHE D 71 9.94 9.27 -9.41
CA PHE D 71 10.15 8.10 -10.26
C PHE D 71 11.23 7.22 -9.63
N PRO D 72 11.38 5.99 -10.14
CA PRO D 72 12.38 5.05 -9.63
C PRO D 72 13.78 5.67 -9.67
N ASN D 73 14.50 5.56 -8.55
CA ASN D 73 15.86 6.10 -8.42
C ASN D 73 15.96 7.61 -8.21
N LYS D 74 14.89 8.36 -8.49
CA LYS D 74 14.90 9.80 -8.29
C LYS D 74 13.51 10.30 -7.92
N PRO D 75 13.24 10.44 -6.61
CA PRO D 75 11.95 10.90 -6.09
C PRO D 75 11.60 12.35 -6.40
N ILE D 76 10.41 12.57 -6.92
CA ILE D 76 9.94 13.89 -7.27
C ILE D 76 8.46 13.98 -6.98
N PHE D 77 8.07 14.87 -6.06
CA PHE D 77 6.66 15.00 -5.74
C PHE D 77 5.98 15.47 -7.01
N PRO D 78 4.91 14.78 -7.42
CA PRO D 78 4.19 15.15 -8.65
C PRO D 78 3.63 16.55 -8.59
N GLY D 79 3.74 17.27 -9.70
CA GLY D 79 3.23 18.63 -9.75
C GLY D 79 1.72 18.68 -9.58
N VAL D 80 1.03 17.77 -10.25
CA VAL D 80 -0.43 17.71 -10.15
C VAL D 80 -0.87 17.54 -8.71
N LEU D 81 -0.06 16.85 -7.91
CA LEU D 81 -0.39 16.64 -6.50
C LEU D 81 -0.13 17.89 -5.66
N ILE D 82 0.77 18.76 -6.13
CA ILE D 82 1.06 20.00 -5.44
C ILE D 82 -0.19 20.86 -5.61
N VAL D 83 -0.75 20.84 -6.81
CA VAL D 83 -1.96 21.61 -7.10
C VAL D 83 -3.09 21.04 -6.24
N GLU D 84 -3.07 19.73 -6.02
CA GLU D 84 -4.08 19.09 -5.21
C GLU D 84 -3.99 19.58 -3.76
N GLY D 85 -2.76 19.75 -3.27
CA GLY D 85 -2.58 20.21 -1.91
C GLY D 85 -3.02 21.65 -1.70
N MET D 86 -2.85 22.48 -2.72
CA MET D 86 -3.26 23.88 -2.65
C MET D 86 -4.78 23.91 -2.66
N ALA D 87 -5.38 23.05 -3.48
CA ALA D 87 -6.84 22.98 -3.55
C ALA D 87 -7.41 22.60 -2.17
N GLN D 88 -6.79 21.62 -1.51
CA GLN D 88 -7.24 21.19 -0.18
C GLN D 88 -7.06 22.30 0.85
N SER D 89 -5.97 23.07 0.75
CA SER D 89 -5.76 24.18 1.68
C SER D 89 -6.93 25.14 1.46
N GLY D 90 -7.20 25.44 0.20
CA GLY D 90 -8.30 26.32 -0.12
C GLY D 90 -9.60 25.79 0.48
N GLY D 91 -9.82 24.49 0.35
CA GLY D 91 -11.05 23.90 0.88
C GLY D 91 -11.21 24.10 2.39
N PHE D 92 -10.12 23.96 3.13
CA PHE D 92 -10.17 24.12 4.58
C PHE D 92 -10.61 25.54 4.90
N LEU D 93 -10.17 26.50 4.09
CA LEU D 93 -10.51 27.91 4.29
C LEU D 93 -12.00 28.11 4.02
N ALA D 94 -12.47 27.56 2.91
CA ALA D 94 -13.87 27.65 2.54
C ALA D 94 -14.74 27.07 3.66
N PHE D 95 -14.48 25.82 4.05
CA PHE D 95 -15.25 25.17 5.11
C PHE D 95 -15.30 26.03 6.36
N THR D 96 -14.13 26.38 6.90
CA THR D 96 -14.08 27.18 8.11
C THR D 96 -14.69 28.59 7.90
N SER D 97 -14.70 29.04 6.66
CA SER D 97 -15.26 30.34 6.34
C SER D 97 -16.77 30.30 6.42
N LEU D 98 -17.35 29.20 5.95
CA LEU D 98 -18.79 29.01 5.91
C LEU D 98 -19.43 28.51 7.19
N TRP D 99 -18.75 27.62 7.90
CA TRP D 99 -19.30 27.06 9.13
C TRP D 99 -18.32 27.06 10.29
N GLY D 100 -17.14 27.62 10.10
CA GLY D 100 -16.18 27.62 11.19
C GLY D 100 -15.80 26.18 11.48
N PHE D 101 -15.19 25.90 12.62
CA PHE D 101 -14.83 24.53 12.92
C PHE D 101 -16.07 23.72 13.31
N ASP D 102 -16.73 23.12 12.33
CA ASP D 102 -17.92 22.31 12.58
C ASP D 102 -17.78 20.92 11.93
N PRO D 103 -17.29 19.95 12.70
CA PRO D 103 -17.11 18.59 12.19
C PRO D 103 -18.44 17.93 11.80
N GLU D 104 -19.50 18.31 12.51
CA GLU D 104 -20.82 17.74 12.26
C GLU D 104 -21.28 17.98 10.83
N ILE D 105 -21.45 19.25 10.44
CA ILE D 105 -21.90 19.57 9.09
C ILE D 105 -20.81 19.29 8.06
N ALA D 106 -19.56 19.24 8.52
CA ALA D 106 -18.45 18.98 7.61
C ALA D 106 -18.39 17.52 7.14
N LYS D 107 -18.90 16.60 7.94
CA LYS D 107 -18.89 15.17 7.59
C LYS D 107 -19.75 14.89 6.37
N THR D 108 -20.80 15.68 6.20
CA THR D 108 -21.73 15.48 5.08
C THR D 108 -21.28 16.10 3.76
N LYS D 109 -20.03 16.53 3.68
CA LYS D 109 -19.57 17.18 2.45
C LYS D 109 -18.37 16.59 1.73
N ILE D 110 -18.20 17.04 0.49
CA ILE D 110 -17.06 16.65 -0.33
C ILE D 110 -16.72 17.87 -1.19
N VAL D 111 -15.54 17.88 -1.78
CA VAL D 111 -15.11 19.00 -2.59
C VAL D 111 -14.73 18.61 -4.01
N TYR D 112 -15.45 19.19 -4.98
CA TYR D 112 -15.22 18.94 -6.40
C TYR D 112 -14.38 20.04 -7.04
N PHE D 113 -13.46 19.62 -7.91
CA PHE D 113 -12.60 20.54 -8.65
C PHE D 113 -13.41 21.01 -9.85
N MET D 114 -13.47 22.32 -10.08
CA MET D 114 -14.21 22.85 -11.21
C MET D 114 -13.28 23.29 -12.34
N THR D 115 -12.28 24.09 -12.01
CA THR D 115 -11.32 24.58 -12.99
C THR D 115 -9.94 24.76 -12.37
N ILE D 116 -8.94 24.80 -13.25
CA ILE D 116 -7.56 25.03 -12.84
C ILE D 116 -6.95 25.86 -13.96
N ASP D 117 -6.25 26.93 -13.60
CA ASP D 117 -5.63 27.81 -14.57
C ASP D 117 -4.29 28.33 -14.07
N LYS D 118 -3.56 28.95 -14.98
CA LYS D 118 -2.27 29.57 -14.70
C LYS D 118 -1.32 28.82 -13.77
N VAL D 119 -1.25 27.50 -13.89
CA VAL D 119 -0.35 26.74 -13.05
C VAL D 119 0.99 26.63 -13.76
N LYS D 120 2.04 27.04 -13.04
CA LYS D 120 3.39 27.02 -13.56
C LYS D 120 4.24 26.22 -12.58
N PHE D 121 5.15 25.40 -13.08
CA PHE D 121 6.02 24.60 -12.23
C PHE D 121 7.44 25.14 -12.35
N ARG D 122 7.93 25.80 -11.29
CA ARG D 122 9.26 26.38 -11.32
C ARG D 122 10.39 25.56 -10.73
N ILE D 123 10.14 24.88 -9.61
CA ILE D 123 11.18 24.09 -8.95
C ILE D 123 10.69 22.71 -8.52
N PRO D 124 11.41 21.65 -8.88
CA PRO D 124 10.99 20.30 -8.48
C PRO D 124 10.93 20.15 -6.97
N VAL D 125 9.93 19.44 -6.46
CA VAL D 125 9.77 19.22 -5.03
C VAL D 125 10.27 17.82 -4.69
N THR D 126 11.05 17.71 -3.61
CA THR D 126 11.64 16.43 -3.24
C THR D 126 11.61 16.06 -1.78
N PRO D 127 11.84 14.76 -1.47
CA PRO D 127 11.84 14.25 -0.09
C PRO D 127 12.72 15.10 0.82
N GLY D 128 12.11 15.62 1.88
CA GLY D 128 12.85 16.46 2.80
C GLY D 128 12.37 17.89 2.72
N ASP D 129 11.54 18.19 1.71
CA ASP D 129 10.99 19.54 1.52
C ASP D 129 9.75 19.78 2.36
N ARG D 130 9.60 21.01 2.79
CA ARG D 130 8.42 21.43 3.56
C ARG D 130 7.62 22.29 2.57
N LEU D 131 6.66 21.65 1.89
CA LEU D 131 5.82 22.30 0.89
C LEU D 131 4.79 23.24 1.52
N GLU D 132 5.06 24.54 1.44
CA GLU D 132 4.17 25.55 2.02
C GLU D 132 3.13 26.03 1.01
N TYR D 133 1.86 25.88 1.37
CA TYR D 133 0.73 26.29 0.53
C TYR D 133 0.27 27.71 0.87
N HIS D 134 0.32 28.59 -0.13
CA HIS D 134 -0.09 29.98 0.04
C HIS D 134 -1.29 30.25 -0.86
N LEU D 135 -2.43 30.54 -0.25
CA LEU D 135 -3.63 30.80 -1.02
C LEU D 135 -4.51 31.92 -0.52
N GLU D 136 -5.06 32.67 -1.44
CA GLU D 136 -5.96 33.77 -1.11
C GLU D 136 -7.22 33.59 -1.93
N VAL D 137 -8.34 34.06 -1.42
CA VAL D 137 -9.61 33.93 -2.12
C VAL D 137 -9.72 35.00 -3.19
N LEU D 138 -9.86 34.57 -4.44
CA LEU D 138 -10.01 35.49 -5.56
C LEU D 138 -11.49 35.87 -5.66
N LYS D 139 -12.34 34.89 -5.45
CA LYS D 139 -13.78 35.08 -5.49
C LYS D 139 -14.45 33.93 -4.76
N HIS D 140 -15.60 34.21 -4.17
CA HIS D 140 -16.35 33.18 -3.45
C HIS D 140 -17.83 33.53 -3.33
N LYS D 141 -18.67 32.60 -3.76
CA LYS D 141 -20.11 32.77 -3.68
C LYS D 141 -20.73 31.44 -3.26
N GLY D 142 -21.31 31.42 -2.07
CA GLY D 142 -21.92 30.20 -1.58
C GLY D 142 -20.91 29.08 -1.47
N MET D 143 -21.18 27.97 -2.15
CA MET D 143 -20.28 26.81 -2.10
C MET D 143 -19.15 26.86 -3.14
N ILE D 144 -19.19 27.86 -4.03
CA ILE D 144 -18.16 28.01 -5.07
C ILE D 144 -17.04 28.92 -4.59
N TRP D 145 -15.82 28.40 -4.57
CA TRP D 145 -14.67 29.18 -4.12
C TRP D 145 -13.54 29.21 -5.11
N GLN D 146 -13.13 30.41 -5.50
CA GLN D 146 -12.04 30.57 -6.44
C GLN D 146 -10.83 31.11 -5.70
N VAL D 147 -9.80 30.28 -5.60
CA VAL D 147 -8.56 30.67 -4.91
C VAL D 147 -7.33 30.65 -5.82
N GLY D 148 -6.29 31.35 -5.41
CA GLY D 148 -5.07 31.38 -6.20
C GLY D 148 -3.86 31.72 -5.36
N GLY D 149 -2.71 31.18 -5.73
CA GLY D 149 -1.53 31.49 -4.97
C GLY D 149 -0.31 30.73 -5.41
N THR D 150 0.53 30.36 -4.44
CA THR D 150 1.76 29.64 -4.72
C THR D 150 2.03 28.53 -3.72
N ALA D 151 2.97 27.66 -4.07
CA ALA D 151 3.42 26.57 -3.22
C ALA D 151 4.88 26.92 -3.06
N GLN D 152 5.36 26.97 -1.82
CA GLN D 152 6.74 27.34 -1.56
C GLN D 152 7.55 26.35 -0.74
N VAL D 153 8.87 26.53 -0.77
CA VAL D 153 9.80 25.70 -0.02
C VAL D 153 10.96 26.61 0.36
N ASP D 154 11.19 26.75 1.66
CA ASP D 154 12.26 27.60 2.15
C ASP D 154 12.17 28.99 1.53
N GLY D 155 10.99 29.59 1.60
CA GLY D 155 10.81 30.94 1.08
C GLY D 155 10.76 31.16 -0.43
N LYS D 156 11.16 30.19 -1.22
CA LYS D 156 11.12 30.33 -2.67
C LYS D 156 9.89 29.67 -3.27
N VAL D 157 9.37 30.25 -4.35
CA VAL D 157 8.19 29.73 -5.02
C VAL D 157 8.55 28.57 -5.95
N VAL D 158 7.96 27.41 -5.71
CA VAL D 158 8.21 26.22 -6.52
C VAL D 158 7.09 26.00 -7.53
N ALA D 159 5.92 26.54 -7.24
CA ALA D 159 4.77 26.39 -8.13
C ALA D 159 3.75 27.48 -7.89
N GLU D 160 2.98 27.78 -8.92
CA GLU D 160 1.93 28.81 -8.86
C GLU D 160 0.69 28.24 -9.52
N ALA D 161 -0.48 28.56 -8.99
CA ALA D 161 -1.71 28.07 -9.58
C ALA D 161 -2.98 28.78 -9.11
N GLU D 162 -4.02 28.62 -9.91
CA GLU D 162 -5.35 29.17 -9.65
C GLU D 162 -6.34 28.04 -9.87
N LEU D 163 -7.32 27.92 -8.99
CA LEU D 163 -8.30 26.87 -9.12
C LEU D 163 -9.64 27.29 -8.53
N LYS D 164 -10.70 26.62 -8.98
CA LYS D 164 -12.03 26.90 -8.48
C LYS D 164 -12.65 25.60 -8.00
N ALA D 165 -12.88 25.49 -6.71
CA ALA D 165 -13.47 24.27 -6.16
C ALA D 165 -14.92 24.52 -5.79
N MET D 166 -15.62 23.44 -5.47
CA MET D 166 -17.01 23.51 -5.08
C MET D 166 -17.28 22.55 -3.95
N ILE D 167 -18.00 23.03 -2.93
CA ILE D 167 -18.34 22.17 -1.81
C ILE D 167 -19.76 21.69 -2.10
N ALA D 168 -19.93 20.36 -2.13
CA ALA D 168 -21.22 19.76 -2.43
C ALA D 168 -21.69 18.76 -1.39
N GLU D 169 -23.00 18.75 -1.16
CA GLU D 169 -23.60 17.82 -0.21
C GLU D 169 -23.16 16.44 -0.69
N ARG D 170 -22.72 15.61 0.24
CA ARG D 170 -22.28 14.25 -0.09
C ARG D 170 -23.52 13.45 -0.53
N GLU D 171 -24.63 14.16 -0.75
CA GLU D 171 -25.92 13.58 -1.14
C GLU D 171 -25.83 12.13 -1.58
N LEU E 20 -35.18 -4.69 -7.67
CA LEU E 20 -36.14 -4.23 -8.72
C LEU E 20 -35.40 -3.59 -9.88
N GLN E 21 -34.19 -3.10 -9.61
CA GLN E 21 -33.37 -2.47 -10.64
C GLN E 21 -32.53 -3.56 -11.32
N SER E 22 -31.87 -3.22 -12.42
CA SER E 22 -31.02 -4.17 -13.13
C SER E 22 -29.68 -3.52 -13.44
N GLN E 23 -29.53 -2.25 -13.07
CA GLN E 23 -28.31 -1.50 -13.32
C GLN E 23 -27.83 -0.88 -12.01
N PHE E 24 -26.65 -1.30 -11.55
CA PHE E 24 -26.08 -0.79 -10.30
C PHE E 24 -24.65 -0.27 -10.41
N PHE E 25 -24.37 0.84 -9.75
CA PHE E 25 -23.03 1.43 -9.77
C PHE E 25 -22.24 1.15 -8.49
N ILE E 26 -20.94 1.41 -8.53
CA ILE E 26 -20.05 1.15 -7.39
C ILE E 26 -20.61 1.54 -6.03
N GLU E 27 -21.46 2.56 -6.01
CA GLU E 27 -22.06 3.03 -4.76
C GLU E 27 -22.99 1.97 -4.18
N HIS E 28 -23.85 1.40 -5.02
CA HIS E 28 -24.78 0.38 -4.57
C HIS E 28 -24.06 -0.94 -4.26
N ILE E 29 -22.96 -1.20 -4.96
CA ILE E 29 -22.20 -2.42 -4.73
C ILE E 29 -21.52 -2.38 -3.35
N LEU E 30 -21.08 -1.20 -2.94
CA LEU E 30 -20.42 -1.05 -1.64
C LEU E 30 -21.42 -1.23 -0.49
N GLN E 31 -22.68 -0.87 -0.75
CA GLN E 31 -23.73 -0.99 0.26
C GLN E 31 -24.31 -2.39 0.41
N ILE E 32 -23.95 -3.29 -0.50
CA ILE E 32 -24.45 -4.65 -0.46
C ILE E 32 -23.39 -5.71 -0.15
N LEU E 33 -22.24 -5.61 -0.81
CA LEU E 33 -21.15 -6.57 -0.58
C LEU E 33 -20.30 -6.13 0.59
N PRO E 34 -19.78 -7.08 1.38
CA PRO E 34 -18.94 -6.74 2.54
C PRO E 34 -17.50 -6.48 2.10
N HIS E 35 -17.14 -7.02 0.94
CA HIS E 35 -15.79 -6.86 0.41
C HIS E 35 -15.36 -5.41 0.35
N ARG E 36 -14.08 -5.18 0.59
CA ARG E 36 -13.52 -3.86 0.56
C ARG E 36 -12.12 -3.91 -0.06
N TYR E 37 -11.51 -2.75 -0.27
CA TYR E 37 -10.19 -2.70 -0.88
C TYR E 37 -9.18 -3.47 -0.05
N PRO E 38 -8.30 -4.25 -0.71
CA PRO E 38 -8.21 -4.45 -2.15
C PRO E 38 -8.86 -5.75 -2.62
N MET E 39 -10.02 -6.08 -2.09
CA MET E 39 -10.68 -7.31 -2.50
C MET E 39 -12.10 -7.14 -3.05
N LEU E 40 -12.50 -5.91 -3.29
CA LEU E 40 -13.81 -5.63 -3.87
C LEU E 40 -13.51 -5.58 -5.36
N LEU E 41 -13.82 -6.66 -6.07
CA LEU E 41 -13.50 -6.75 -7.49
C LEU E 41 -14.65 -6.61 -8.49
N VAL E 42 -15.68 -5.87 -8.13
CA VAL E 42 -16.82 -5.62 -9.01
C VAL E 42 -16.98 -4.11 -9.08
N ASP E 43 -16.96 -3.55 -10.29
CA ASP E 43 -17.08 -2.12 -10.46
C ASP E 43 -18.47 -1.64 -10.78
N ARG E 44 -19.20 -2.40 -11.58
CA ARG E 44 -20.54 -2.01 -11.98
C ARG E 44 -21.39 -3.20 -12.43
N ILE E 45 -22.67 -3.18 -12.04
CA ILE E 45 -23.63 -4.23 -12.40
C ILE E 45 -24.40 -3.68 -13.59
N THR E 46 -24.37 -4.35 -14.74
CA THR E 46 -25.09 -3.82 -15.90
C THR E 46 -26.42 -4.50 -16.17
N GLU E 47 -26.61 -5.69 -15.63
CA GLU E 47 -27.84 -6.44 -15.85
C GLU E 47 -28.11 -7.33 -14.65
N LEU E 48 -29.37 -7.45 -14.24
CA LEU E 48 -29.68 -8.28 -13.09
C LEU E 48 -31.11 -8.83 -13.08
N GLN E 49 -31.22 -10.15 -13.15
CA GLN E 49 -32.51 -10.82 -13.13
C GLN E 49 -32.53 -11.67 -11.85
N ALA E 50 -33.30 -11.23 -10.87
CA ALA E 50 -33.41 -11.93 -9.59
C ALA E 50 -33.54 -13.45 -9.69
N ASN E 51 -32.80 -14.16 -8.86
CA ASN E 51 -32.84 -15.62 -8.84
C ASN E 51 -32.45 -16.27 -10.17
N GLN E 52 -31.88 -15.51 -11.09
CA GLN E 52 -31.52 -16.11 -12.38
C GLN E 52 -30.13 -15.76 -12.92
N LYS E 53 -29.93 -14.52 -13.36
CA LYS E 53 -28.63 -14.16 -13.91
C LYS E 53 -28.20 -12.77 -13.47
N ILE E 54 -26.94 -12.45 -13.76
CA ILE E 54 -26.40 -11.13 -13.46
C ILE E 54 -25.22 -10.92 -14.40
N VAL E 55 -25.02 -9.68 -14.80
CA VAL E 55 -23.91 -9.33 -15.67
C VAL E 55 -23.26 -8.11 -15.04
N ALA E 56 -21.97 -8.23 -14.76
CA ALA E 56 -21.23 -7.14 -14.15
C ALA E 56 -19.84 -7.07 -14.77
N TYR E 57 -19.07 -6.07 -14.38
CA TYR E 57 -17.72 -5.96 -14.93
C TYR E 57 -16.80 -5.19 -14.02
N LYS E 58 -15.52 -5.49 -14.16
CA LYS E 58 -14.48 -4.83 -13.40
C LYS E 58 -13.43 -4.37 -14.41
N ASN E 59 -13.04 -3.10 -14.34
CA ASN E 59 -12.02 -2.62 -15.26
C ASN E 59 -10.66 -3.05 -14.74
N ILE E 60 -9.76 -3.38 -15.65
CA ILE E 60 -8.41 -3.80 -15.28
C ILE E 60 -7.47 -2.67 -15.69
N THR E 61 -6.73 -2.14 -14.72
CA THR E 61 -5.80 -1.05 -14.99
C THR E 61 -4.44 -1.35 -14.41
N PHE E 62 -3.40 -0.79 -15.00
CA PHE E 62 -2.08 -1.04 -14.48
C PHE E 62 -1.96 -0.48 -13.07
N ASN E 63 -2.80 0.49 -12.75
CA ASN E 63 -2.76 1.13 -11.44
C ASN E 63 -3.37 0.32 -10.28
N GLU E 64 -3.16 -0.99 -10.31
CA GLU E 64 -3.63 -1.88 -9.26
C GLU E 64 -2.40 -2.51 -8.63
N ASP E 65 -2.40 -2.61 -7.30
CA ASP E 65 -1.28 -3.15 -6.53
C ASP E 65 -0.91 -4.59 -6.84
N VAL E 66 -1.90 -5.41 -7.21
CA VAL E 66 -1.65 -6.82 -7.52
C VAL E 66 -0.67 -6.98 -8.69
N PHE E 67 -0.56 -5.95 -9.53
CA PHE E 67 0.34 -6.01 -10.67
C PHE E 67 1.81 -5.86 -10.30
N ASN E 68 2.09 -5.27 -9.15
CA ASN E 68 3.47 -5.11 -8.73
C ASN E 68 4.18 -6.47 -8.70
N GLY E 69 3.43 -7.51 -8.38
CA GLY E 69 4.02 -8.83 -8.31
C GLY E 69 3.40 -9.91 -9.16
N HIS E 70 2.66 -9.55 -10.21
CA HIS E 70 2.06 -10.57 -11.05
C HIS E 70 1.89 -10.10 -12.50
N PHE E 71 2.98 -10.01 -13.26
CA PHE E 71 4.33 -10.32 -12.79
C PHE E 71 5.17 -9.12 -13.18
N PRO E 72 6.37 -8.97 -12.58
CA PRO E 72 7.20 -7.83 -12.94
C PRO E 72 7.44 -7.75 -14.45
N ASN E 73 7.17 -6.58 -15.03
CA ASN E 73 7.34 -6.34 -16.47
C ASN E 73 6.32 -7.07 -17.34
N LYS E 74 5.45 -7.86 -16.72
CA LYS E 74 4.45 -8.58 -17.48
C LYS E 74 3.12 -8.63 -16.72
N PRO E 75 2.42 -7.48 -16.64
CA PRO E 75 1.13 -7.43 -15.93
C PRO E 75 0.06 -8.38 -16.44
N ILE E 76 -0.36 -9.29 -15.57
CA ILE E 76 -1.39 -10.27 -15.89
C ILE E 76 -2.34 -10.40 -14.70
N PHE E 77 -3.62 -10.11 -14.90
CA PHE E 77 -4.59 -10.21 -13.82
C PHE E 77 -4.64 -11.67 -13.39
N PRO E 78 -4.46 -11.95 -12.09
CA PRO E 78 -4.49 -13.33 -11.59
C PRO E 78 -5.75 -14.09 -11.98
N GLY E 79 -5.59 -15.34 -12.38
CA GLY E 79 -6.73 -16.16 -12.76
C GLY E 79 -7.69 -16.31 -11.60
N VAL E 80 -7.14 -16.59 -10.40
CA VAL E 80 -7.97 -16.75 -9.20
C VAL E 80 -8.79 -15.51 -8.84
N LEU E 81 -8.28 -14.33 -9.15
CA LEU E 81 -9.00 -13.10 -8.85
C LEU E 81 -10.15 -12.90 -9.82
N ILE E 82 -10.07 -13.55 -10.98
CA ILE E 82 -11.16 -13.48 -11.95
C ILE E 82 -12.28 -14.34 -11.37
N VAL E 83 -11.91 -15.48 -10.79
CA VAL E 83 -12.89 -16.35 -10.17
C VAL E 83 -13.51 -15.58 -9.00
N GLU E 84 -12.66 -14.90 -8.25
CA GLU E 84 -13.13 -14.13 -7.11
C GLU E 84 -14.13 -13.07 -7.56
N GLY E 85 -13.83 -12.42 -8.68
CA GLY E 85 -14.71 -11.39 -9.20
C GLY E 85 -16.05 -11.96 -9.59
N MET E 86 -16.05 -13.18 -10.11
CA MET E 86 -17.28 -13.84 -10.52
C MET E 86 -18.12 -14.18 -9.29
N ALA E 87 -17.47 -14.65 -8.24
CA ALA E 87 -18.16 -15.01 -7.01
C ALA E 87 -18.87 -13.82 -6.36
N GLN E 88 -18.24 -12.65 -6.44
CA GLN E 88 -18.80 -11.44 -5.87
C GLN E 88 -20.02 -10.99 -6.67
N SER E 89 -19.97 -11.21 -7.99
CA SER E 89 -21.09 -10.85 -8.85
C SER E 89 -22.27 -11.72 -8.44
N GLY E 90 -22.00 -13.01 -8.26
CA GLY E 90 -23.03 -13.94 -7.86
C GLY E 90 -23.51 -13.65 -6.45
N GLY E 91 -22.59 -13.16 -5.62
CA GLY E 91 -22.94 -12.83 -4.26
C GLY E 91 -23.87 -11.64 -4.22
N PHE E 92 -23.69 -10.73 -5.18
CA PHE E 92 -24.55 -9.55 -5.25
C PHE E 92 -25.91 -10.00 -5.73
N LEU E 93 -25.91 -10.93 -6.67
CA LEU E 93 -27.14 -11.49 -7.21
C LEU E 93 -27.91 -12.22 -6.10
N ALA E 94 -27.17 -12.99 -5.30
CA ALA E 94 -27.80 -13.76 -4.23
C ALA E 94 -28.42 -12.87 -3.16
N PHE E 95 -27.68 -11.88 -2.69
CA PHE E 95 -28.20 -11.03 -1.63
C PHE E 95 -29.46 -10.29 -2.07
N THR E 96 -29.40 -9.65 -3.23
CA THR E 96 -30.52 -8.90 -3.72
C THR E 96 -31.74 -9.78 -4.01
N SER E 97 -31.51 -11.03 -4.38
CA SER E 97 -32.62 -11.93 -4.66
C SER E 97 -33.31 -12.31 -3.36
N LEU E 98 -32.53 -12.40 -2.28
CA LEU E 98 -33.08 -12.76 -0.98
C LEU E 98 -33.80 -11.60 -0.31
N TRP E 99 -33.06 -10.55 0.02
CA TRP E 99 -33.62 -9.39 0.71
C TRP E 99 -33.83 -8.14 -0.12
N GLY E 100 -33.50 -8.20 -1.40
CA GLY E 100 -33.63 -7.02 -2.23
C GLY E 100 -32.54 -6.04 -1.85
N PHE E 101 -32.63 -4.81 -2.33
CA PHE E 101 -31.61 -3.82 -2.00
C PHE E 101 -31.74 -3.29 -0.57
N ASP E 102 -31.25 -4.04 0.41
CA ASP E 102 -31.33 -3.60 1.79
C ASP E 102 -29.93 -3.55 2.41
N PRO E 103 -29.23 -2.41 2.25
CA PRO E 103 -27.88 -2.22 2.79
C PRO E 103 -27.79 -2.48 4.29
N GLU E 104 -28.83 -2.12 5.03
CA GLU E 104 -28.84 -2.31 6.47
C GLU E 104 -28.67 -3.80 6.77
N ILE E 105 -29.49 -4.63 6.16
CA ILE E 105 -29.42 -6.06 6.36
C ILE E 105 -28.09 -6.60 5.85
N ALA E 106 -27.69 -6.11 4.68
CA ALA E 106 -26.44 -6.55 4.06
C ALA E 106 -25.17 -6.18 4.83
N LYS E 107 -25.20 -5.07 5.56
CA LYS E 107 -24.01 -4.63 6.24
C LYS E 107 -23.39 -5.57 7.27
N THR E 108 -24.16 -6.54 7.75
CA THR E 108 -23.60 -7.48 8.74
C THR E 108 -23.36 -8.90 8.22
N LYS E 109 -23.49 -9.08 6.90
CA LYS E 109 -23.27 -10.38 6.26
C LYS E 109 -21.90 -10.49 5.61
N ILE E 110 -21.40 -11.72 5.50
CA ILE E 110 -20.11 -11.95 4.84
C ILE E 110 -20.39 -13.07 3.84
N VAL E 111 -19.40 -13.42 3.02
CA VAL E 111 -19.58 -14.48 2.03
C VAL E 111 -18.41 -15.45 1.97
N TYR E 112 -18.69 -16.73 2.26
CA TYR E 112 -17.69 -17.77 2.24
C TYR E 112 -17.79 -18.59 0.96
N PHE E 113 -16.64 -18.99 0.44
CA PHE E 113 -16.56 -19.82 -0.75
C PHE E 113 -16.78 -21.23 -0.21
N MET E 114 -17.52 -22.05 -0.93
CA MET E 114 -17.74 -23.42 -0.48
C MET E 114 -16.98 -24.34 -1.45
N THR E 115 -17.23 -24.18 -2.74
CA THR E 115 -16.54 -25.01 -3.73
C THR E 115 -16.33 -24.23 -5.01
N ILE E 116 -15.49 -24.77 -5.88
CA ILE E 116 -15.18 -24.18 -7.16
C ILE E 116 -14.87 -25.37 -8.06
N ASP E 117 -15.52 -25.44 -9.21
CA ASP E 117 -15.26 -26.54 -10.14
C ASP E 117 -15.21 -26.05 -11.57
N LYS E 118 -14.74 -26.94 -12.44
CA LYS E 118 -14.66 -26.70 -13.87
C LYS E 118 -14.23 -25.30 -14.32
N VAL E 119 -13.22 -24.72 -13.69
CA VAL E 119 -12.79 -23.40 -14.13
C VAL E 119 -11.71 -23.62 -15.18
N LYS E 120 -11.82 -22.85 -16.26
CA LYS E 120 -10.87 -22.96 -17.35
C LYS E 120 -10.49 -21.56 -17.78
N PHE E 121 -9.20 -21.33 -17.98
CA PHE E 121 -8.73 -20.03 -18.43
C PHE E 121 -8.31 -20.16 -19.90
N ARG E 122 -8.90 -19.33 -20.76
CA ARG E 122 -8.62 -19.38 -22.20
C ARG E 122 -7.72 -18.27 -22.74
N ILE E 123 -7.88 -17.07 -22.20
CA ILE E 123 -7.10 -15.91 -22.65
C ILE E 123 -6.70 -15.06 -21.44
N PRO E 124 -5.43 -14.62 -21.40
CA PRO E 124 -4.97 -13.80 -20.27
C PRO E 124 -5.62 -12.42 -20.23
N VAL E 125 -5.94 -11.95 -19.04
CA VAL E 125 -6.54 -10.63 -18.87
C VAL E 125 -5.41 -9.66 -18.53
N THR E 126 -5.41 -8.49 -19.15
CA THR E 126 -4.35 -7.51 -18.92
C THR E 126 -4.88 -6.09 -18.72
N PRO E 127 -4.01 -5.14 -18.30
CA PRO E 127 -4.39 -3.74 -18.08
C PRO E 127 -5.03 -3.13 -19.32
N GLY E 128 -6.17 -2.49 -19.14
CA GLY E 128 -6.90 -1.90 -20.25
C GLY E 128 -8.10 -2.76 -20.65
N ASP E 129 -8.21 -3.95 -20.05
CA ASP E 129 -9.31 -4.85 -20.34
C ASP E 129 -10.54 -4.60 -19.48
N ARG E 130 -11.71 -4.70 -20.10
CA ARG E 130 -12.97 -4.55 -19.40
C ARG E 130 -13.43 -5.98 -19.19
N LEU E 131 -13.10 -6.54 -18.02
CA LEU E 131 -13.44 -7.92 -17.66
C LEU E 131 -14.91 -8.03 -17.26
N GLU E 132 -15.71 -8.61 -18.15
CA GLU E 132 -17.14 -8.74 -17.90
C GLU E 132 -17.53 -10.06 -17.26
N TYR E 133 -18.22 -9.99 -16.14
CA TYR E 133 -18.65 -11.18 -15.41
C TYR E 133 -20.08 -11.55 -15.81
N HIS E 134 -20.29 -12.80 -16.22
CA HIS E 134 -21.61 -13.30 -16.60
C HIS E 134 -21.92 -14.50 -15.72
N LEU E 135 -22.85 -14.33 -14.78
CA LEU E 135 -23.22 -15.42 -13.88
C LEU E 135 -24.67 -15.86 -13.99
N GLU E 136 -24.88 -17.16 -13.87
CA GLU E 136 -26.21 -17.76 -13.93
C GLU E 136 -26.41 -18.58 -12.67
N VAL E 137 -27.63 -18.63 -12.16
CA VAL E 137 -27.92 -19.39 -10.96
C VAL E 137 -28.24 -20.83 -11.35
N LEU E 138 -27.32 -21.74 -11.04
CA LEU E 138 -27.49 -23.15 -11.36
C LEU E 138 -28.36 -23.84 -10.32
N LYS E 139 -28.32 -23.31 -9.10
CA LYS E 139 -29.10 -23.86 -7.99
C LYS E 139 -28.87 -23.01 -6.76
N HIS E 140 -29.92 -22.81 -5.97
CA HIS E 140 -29.79 -22.00 -4.78
C HIS E 140 -30.77 -22.50 -3.73
N LYS E 141 -30.30 -22.60 -2.49
CA LYS E 141 -31.11 -23.06 -1.37
C LYS E 141 -30.83 -22.22 -0.14
N GLY E 142 -31.75 -21.31 0.17
CA GLY E 142 -31.57 -20.45 1.33
C GLY E 142 -30.32 -19.61 1.14
N MET E 143 -29.33 -19.82 1.99
CA MET E 143 -28.09 -19.07 1.94
C MET E 143 -27.05 -19.67 1.01
N ILE E 144 -27.29 -20.87 0.50
CA ILE E 144 -26.29 -21.48 -0.37
C ILE E 144 -26.60 -21.30 -1.84
N TRP E 145 -25.80 -20.49 -2.52
CA TRP E 145 -25.98 -20.24 -3.94
C TRP E 145 -24.90 -20.85 -4.82
N GLN E 146 -25.33 -21.54 -5.86
CA GLN E 146 -24.41 -22.17 -6.79
C GLN E 146 -24.57 -21.54 -8.16
N VAL E 147 -23.55 -20.79 -8.58
CA VAL E 147 -23.59 -20.13 -9.87
C VAL E 147 -22.51 -20.60 -10.81
N GLY E 148 -22.69 -20.31 -12.09
CA GLY E 148 -21.74 -20.70 -13.10
C GLY E 148 -21.82 -19.71 -14.23
N GLY E 149 -20.73 -19.53 -14.96
CA GLY E 149 -20.76 -18.59 -16.06
C GLY E 149 -19.39 -18.35 -16.65
N THR E 150 -19.16 -17.16 -17.16
CA THR E 150 -17.88 -16.84 -17.78
C THR E 150 -17.44 -15.40 -17.54
N ALA E 151 -16.14 -15.18 -17.73
CA ALA E 151 -15.55 -13.85 -17.63
C ALA E 151 -15.35 -13.55 -19.12
N GLN E 152 -15.67 -12.34 -19.55
CA GLN E 152 -15.52 -11.99 -20.95
C GLN E 152 -14.82 -10.65 -21.19
N VAL E 153 -14.05 -10.57 -22.27
CA VAL E 153 -13.35 -9.34 -22.63
C VAL E 153 -13.59 -9.14 -24.13
N ASP E 154 -14.21 -8.02 -24.47
CA ASP E 154 -14.52 -7.72 -25.87
C ASP E 154 -15.35 -8.86 -26.48
N GLY E 155 -16.41 -9.25 -25.79
CA GLY E 155 -17.27 -10.30 -26.28
C GLY E 155 -16.72 -11.72 -26.28
N LYS E 156 -15.45 -11.88 -25.95
CA LYS E 156 -14.86 -13.22 -25.94
C LYS E 156 -14.70 -13.81 -24.56
N VAL E 157 -14.87 -15.12 -24.45
CA VAL E 157 -14.74 -15.82 -23.19
C VAL E 157 -13.28 -16.02 -22.80
N VAL E 158 -12.85 -15.34 -21.76
CA VAL E 158 -11.47 -15.45 -21.29
C VAL E 158 -11.40 -16.45 -20.14
N ALA E 159 -12.55 -16.77 -19.56
CA ALA E 159 -12.61 -17.71 -18.45
C ALA E 159 -13.99 -18.31 -18.23
N GLU E 160 -14.02 -19.56 -17.77
CA GLU E 160 -15.27 -20.26 -17.49
C GLU E 160 -15.17 -20.77 -16.05
N ALA E 161 -16.27 -20.71 -15.31
CA ALA E 161 -16.23 -21.17 -13.93
C ALA E 161 -17.56 -21.47 -13.26
N GLU E 162 -17.51 -22.39 -12.32
CA GLU E 162 -18.66 -22.78 -11.53
C GLU E 162 -18.25 -22.69 -10.06
N LEU E 163 -19.12 -22.12 -9.23
CA LEU E 163 -18.78 -21.99 -7.82
C LEU E 163 -19.98 -21.99 -6.91
N LYS E 164 -19.74 -22.37 -5.65
CA LYS E 164 -20.80 -22.42 -4.65
C LYS E 164 -20.37 -21.57 -3.46
N ALA E 165 -21.14 -20.52 -3.18
CA ALA E 165 -20.83 -19.63 -2.06
C ALA E 165 -22.00 -19.58 -1.10
N MET E 166 -21.71 -19.28 0.15
CA MET E 166 -22.74 -19.20 1.16
C MET E 166 -22.69 -17.83 1.81
N ILE E 167 -23.83 -17.19 1.98
CA ILE E 167 -23.81 -15.89 2.65
C ILE E 167 -24.19 -16.20 4.10
N ALA E 168 -23.52 -15.55 5.03
CA ALA E 168 -23.78 -15.77 6.45
C ALA E 168 -23.79 -14.46 7.24
N GLU E 169 -24.45 -14.50 8.40
CA GLU E 169 -24.54 -13.34 9.28
C GLU E 169 -23.26 -13.33 10.16
N ARG E 170 -22.54 -12.21 10.18
CA ARG E 170 -21.31 -12.14 11.01
C ARG E 170 -21.60 -12.53 12.45
N GLU E 171 -21.05 -13.65 12.91
CA GLU E 171 -21.25 -14.03 14.31
C GLU E 171 -20.09 -13.45 15.11
N GLN F 23 15.74 -28.10 3.02
CA GLN F 23 14.61 -27.13 2.89
C GLN F 23 14.97 -25.94 2.00
N PHE F 24 13.98 -25.37 1.32
CA PHE F 24 14.23 -24.19 0.49
C PHE F 24 13.56 -23.04 1.20
N PHE F 25 14.31 -21.97 1.46
CA PHE F 25 13.75 -20.84 2.14
C PHE F 25 13.30 -19.77 1.17
N ILE F 26 12.79 -18.65 1.69
CA ILE F 26 12.29 -17.59 0.83
C ILE F 26 13.24 -17.13 -0.29
N GLU F 27 14.53 -16.97 0.01
CA GLU F 27 15.47 -16.51 -1.01
C GLU F 27 15.66 -17.51 -2.15
N HIS F 28 15.42 -18.79 -1.89
CA HIS F 28 15.55 -19.80 -2.92
C HIS F 28 14.28 -19.74 -3.76
N ILE F 29 13.14 -19.64 -3.09
CA ILE F 29 11.87 -19.53 -3.77
C ILE F 29 11.90 -18.35 -4.74
N LEU F 30 12.42 -17.21 -4.27
CA LEU F 30 12.53 -16.02 -5.11
C LEU F 30 13.33 -16.28 -6.39
N GLN F 31 14.29 -17.19 -6.32
CA GLN F 31 15.12 -17.50 -7.47
C GLN F 31 14.42 -18.42 -8.45
N ILE F 32 13.30 -19.02 -8.04
CA ILE F 32 12.58 -19.91 -8.94
C ILE F 32 11.23 -19.38 -9.39
N LEU F 33 10.35 -19.06 -8.45
CA LEU F 33 9.03 -18.54 -8.83
C LEU F 33 9.17 -17.11 -9.32
N PRO F 34 8.36 -16.73 -10.31
CA PRO F 34 8.47 -15.35 -10.81
C PRO F 34 7.60 -14.40 -9.97
N HIS F 35 6.68 -14.97 -9.20
CA HIS F 35 5.77 -14.19 -8.36
C HIS F 35 6.48 -13.29 -7.33
N ARG F 36 5.96 -12.08 -7.16
CA ARG F 36 6.49 -11.12 -6.20
C ARG F 36 5.33 -10.47 -5.44
N TYR F 37 5.65 -9.60 -4.49
CA TYR F 37 4.63 -8.94 -3.69
C TYR F 37 3.58 -8.17 -4.52
N PRO F 38 2.29 -8.31 -4.19
CA PRO F 38 1.74 -9.13 -3.12
C PRO F 38 1.10 -10.41 -3.61
N MET F 39 1.73 -11.09 -4.57
CA MET F 39 1.18 -12.32 -5.09
C MET F 39 2.10 -13.52 -4.95
N LEU F 40 3.06 -13.43 -4.02
CA LEU F 40 3.98 -14.53 -3.75
C LEU F 40 3.50 -15.11 -2.42
N LEU F 41 2.67 -16.13 -2.51
CA LEU F 41 2.07 -16.74 -1.33
C LEU F 41 2.65 -18.06 -0.86
N VAL F 42 3.97 -18.19 -0.92
CA VAL F 42 4.67 -19.39 -0.45
C VAL F 42 5.89 -18.86 0.27
N ASP F 43 6.06 -19.22 1.54
CA ASP F 43 7.18 -18.75 2.34
C ASP F 43 8.34 -19.73 2.50
N ARG F 44 8.05 -21.02 2.46
CA ARG F 44 9.10 -22.01 2.67
C ARG F 44 8.71 -23.38 2.10
N ILE F 45 9.69 -24.13 1.64
CA ILE F 45 9.47 -25.47 1.10
C ILE F 45 10.09 -26.44 2.09
N THR F 46 9.26 -27.18 2.82
CA THR F 46 9.76 -28.14 3.81
C THR F 46 10.08 -29.52 3.23
N GLU F 47 9.43 -29.90 2.13
CA GLU F 47 9.68 -31.20 1.51
C GLU F 47 9.44 -31.23 0.00
N LEU F 48 10.34 -31.88 -0.74
CA LEU F 48 10.26 -31.95 -2.19
C LEU F 48 10.77 -33.25 -2.79
N GLN F 49 9.99 -33.85 -3.68
CA GLN F 49 10.38 -35.08 -4.36
C GLN F 49 10.01 -34.98 -5.84
N ALA F 50 11.03 -34.82 -6.68
CA ALA F 50 10.85 -34.65 -8.12
C ALA F 50 9.83 -35.57 -8.77
N ASN F 51 8.99 -34.98 -9.63
CA ASN F 51 7.97 -35.74 -10.36
C ASN F 51 7.04 -36.50 -9.43
N GLN F 52 7.04 -36.13 -8.15
CA GLN F 52 6.19 -36.80 -7.18
C GLN F 52 5.33 -35.86 -6.33
N LYS F 53 5.93 -35.19 -5.36
CA LYS F 53 5.14 -34.28 -4.52
C LYS F 53 5.93 -33.16 -3.87
N ILE F 54 5.22 -32.30 -3.18
CA ILE F 54 5.84 -31.18 -2.50
C ILE F 54 5.02 -30.75 -1.30
N VAL F 55 5.71 -30.37 -0.23
CA VAL F 55 5.06 -29.86 0.97
C VAL F 55 5.71 -28.52 1.27
N ALA F 56 4.88 -27.48 1.37
CA ALA F 56 5.36 -26.13 1.65
C ALA F 56 4.31 -25.44 2.51
N TYR F 57 4.59 -24.19 2.89
CA TYR F 57 3.62 -23.48 3.69
C TYR F 57 3.81 -21.98 3.59
N LYS F 58 2.83 -21.26 4.10
CA LYS F 58 2.83 -19.81 4.11
C LYS F 58 2.23 -19.39 5.43
N ASN F 59 2.90 -18.48 6.15
CA ASN F 59 2.36 -18.01 7.41
C ASN F 59 1.24 -16.99 7.12
N ILE F 60 0.25 -16.92 8.01
CA ILE F 60 -0.83 -15.95 7.85
C ILE F 60 -0.79 -15.05 9.07
N THR F 61 -0.69 -13.75 8.82
CA THR F 61 -0.59 -12.75 9.87
C THR F 61 -1.55 -11.62 9.56
N PHE F 62 -2.00 -10.91 10.58
CA PHE F 62 -2.90 -9.81 10.34
C PHE F 62 -2.25 -8.74 9.43
N ASN F 63 -0.93 -8.59 9.54
CA ASN F 63 -0.16 -7.61 8.78
C ASN F 63 -0.08 -7.85 7.27
N GLU F 64 -1.17 -8.33 6.68
CA GLU F 64 -1.21 -8.58 5.25
C GLU F 64 -2.31 -7.69 4.69
N ASP F 65 -2.00 -6.98 3.61
CA ASP F 65 -2.94 -6.06 3.00
C ASP F 65 -4.32 -6.65 2.61
N VAL F 66 -4.35 -7.89 2.16
CA VAL F 66 -5.64 -8.50 1.78
C VAL F 66 -6.68 -8.42 2.87
N PHE F 67 -6.25 -8.47 4.13
CA PHE F 67 -7.18 -8.44 5.24
C PHE F 67 -7.96 -7.14 5.44
N ASN F 68 -7.45 -6.02 4.91
CA ASN F 68 -8.15 -4.74 5.04
C ASN F 68 -9.51 -4.83 4.36
N GLY F 69 -9.62 -5.72 3.38
CA GLY F 69 -10.88 -5.86 2.66
C GLY F 69 -11.50 -7.24 2.63
N HIS F 70 -10.97 -8.18 3.41
CA HIS F 70 -11.54 -9.53 3.38
C HIS F 70 -11.49 -10.25 4.73
N PHE F 71 -12.29 -9.81 5.70
CA PHE F 71 -13.20 -8.67 5.56
C PHE F 71 -12.95 -7.78 6.76
N PRO F 72 -13.41 -6.51 6.70
CA PRO F 72 -13.24 -5.55 7.80
C PRO F 72 -13.82 -6.13 9.09
N ASN F 73 -13.04 -6.11 10.18
CA ASN F 73 -13.52 -6.66 11.46
C ASN F 73 -13.57 -8.20 11.50
N LYS F 74 -13.46 -8.84 10.35
CA LYS F 74 -13.49 -10.30 10.27
C LYS F 74 -12.43 -10.80 9.27
N PRO F 75 -11.17 -10.87 9.71
CA PRO F 75 -10.06 -11.32 8.85
C PRO F 75 -10.16 -12.79 8.46
N ILE F 76 -10.33 -13.03 7.17
CA ILE F 76 -10.46 -14.37 6.60
C ILE F 76 -9.58 -14.44 5.34
N PHE F 77 -8.55 -15.27 5.37
CA PHE F 77 -7.68 -15.40 4.21
C PHE F 77 -8.56 -15.90 3.06
N PRO F 78 -8.54 -15.20 1.92
CA PRO F 78 -9.35 -15.58 0.75
C PRO F 78 -9.11 -17.00 0.24
N GLY F 79 -10.20 -17.73 0.04
CA GLY F 79 -10.09 -19.10 -0.45
C GLY F 79 -9.34 -19.17 -1.77
N VAL F 80 -9.57 -18.20 -2.64
CA VAL F 80 -8.92 -18.16 -3.93
C VAL F 80 -7.40 -18.04 -3.78
N LEU F 81 -6.96 -17.34 -2.75
CA LEU F 81 -5.54 -17.15 -2.52
C LEU F 81 -4.95 -18.43 -1.93
N ILE F 82 -5.80 -19.23 -1.29
CA ILE F 82 -5.36 -20.51 -0.75
C ILE F 82 -5.00 -21.36 -1.97
N VAL F 83 -5.89 -21.35 -2.96
CA VAL F 83 -5.65 -22.10 -4.18
C VAL F 83 -4.41 -21.56 -4.92
N GLU F 84 -4.26 -20.24 -4.93
CA GLU F 84 -3.11 -19.62 -5.59
C GLU F 84 -1.82 -20.12 -4.92
N GLY F 85 -1.85 -20.22 -3.60
CA GLY F 85 -0.70 -20.69 -2.87
C GLY F 85 -0.33 -22.13 -3.23
N MET F 86 -1.35 -22.93 -3.54
CA MET F 86 -1.13 -24.32 -3.92
C MET F 86 -0.57 -24.39 -5.32
N ALA F 87 -1.03 -23.49 -6.19
CA ALA F 87 -0.57 -23.44 -7.57
C ALA F 87 0.92 -23.09 -7.57
N GLN F 88 1.30 -22.15 -6.73
CA GLN F 88 2.69 -21.76 -6.64
C GLN F 88 3.54 -22.90 -6.10
N SER F 89 3.03 -23.60 -5.09
CA SER F 89 3.73 -24.74 -4.55
C SER F 89 3.93 -25.72 -5.71
N GLY F 90 2.88 -25.92 -6.48
CA GLY F 90 2.96 -26.80 -7.63
C GLY F 90 3.98 -26.29 -8.62
N GLY F 91 4.02 -24.97 -8.79
CA GLY F 91 4.95 -24.38 -9.71
C GLY F 91 6.39 -24.72 -9.37
N PHE F 92 6.75 -24.52 -8.11
CA PHE F 92 8.11 -24.81 -7.65
C PHE F 92 8.45 -26.27 -7.96
N LEU F 93 7.48 -27.15 -7.74
CA LEU F 93 7.68 -28.57 -7.99
C LEU F 93 7.96 -28.82 -9.48
N ALA F 94 7.27 -28.10 -10.36
CA ALA F 94 7.45 -28.24 -11.81
C ALA F 94 8.78 -27.68 -12.34
N PHE F 95 9.16 -26.51 -11.84
CA PHE F 95 10.41 -25.86 -12.25
C PHE F 95 11.60 -26.74 -11.88
N THR F 96 11.58 -27.22 -10.64
CA THR F 96 12.66 -28.04 -10.13
C THR F 96 12.69 -29.44 -10.74
N SER F 97 11.53 -29.95 -11.14
CA SER F 97 11.48 -31.27 -11.74
C SER F 97 11.96 -31.13 -13.17
N LEU F 98 11.61 -30.00 -13.77
CA LEU F 98 11.96 -29.72 -15.15
C LEU F 98 13.43 -29.43 -15.38
N TRP F 99 13.96 -28.47 -14.61
CA TRP F 99 15.35 -28.05 -14.76
C TRP F 99 16.15 -28.07 -13.47
N GLY F 100 15.58 -28.65 -12.41
CA GLY F 100 16.28 -28.68 -11.14
C GLY F 100 16.29 -27.27 -10.58
N PHE F 101 17.16 -27.00 -9.61
CA PHE F 101 17.23 -25.66 -9.03
C PHE F 101 18.14 -24.82 -9.90
N ASP F 102 17.55 -24.25 -10.96
CA ASP F 102 18.29 -23.44 -11.92
C ASP F 102 17.79 -22.00 -11.99
N PRO F 103 18.23 -21.15 -11.07
CA PRO F 103 17.76 -19.75 -11.11
C PRO F 103 17.83 -19.12 -12.50
N GLU F 104 18.84 -19.49 -13.27
CA GLU F 104 19.03 -18.90 -14.59
C GLU F 104 17.87 -19.13 -15.57
N ILE F 105 17.41 -20.37 -15.68
CA ILE F 105 16.31 -20.72 -16.58
C ILE F 105 15.01 -20.07 -16.09
N ALA F 106 14.72 -20.28 -14.81
CA ALA F 106 13.53 -19.76 -14.16
C ALA F 106 13.16 -18.33 -14.49
N LYS F 107 14.12 -17.41 -14.29
CA LYS F 107 13.91 -15.98 -14.52
C LYS F 107 13.39 -15.59 -15.91
N THR F 108 13.38 -16.50 -16.86
CA THR F 108 12.86 -16.14 -18.18
C THR F 108 11.41 -16.57 -18.31
N LYS F 109 10.91 -17.27 -17.28
CA LYS F 109 9.55 -17.79 -17.31
C LYS F 109 8.54 -17.14 -16.35
N ILE F 110 7.27 -17.45 -16.61
CA ILE F 110 6.15 -17.03 -15.77
C ILE F 110 5.24 -18.24 -15.77
N VAL F 111 4.23 -18.24 -14.91
CA VAL F 111 3.31 -19.37 -14.82
C VAL F 111 1.89 -18.92 -15.07
N TYR F 112 1.18 -19.68 -15.91
CA TYR F 112 -0.21 -19.40 -16.26
C TYR F 112 -1.12 -20.49 -15.70
N PHE F 113 -2.22 -20.07 -15.10
CA PHE F 113 -3.23 -20.97 -14.56
C PHE F 113 -4.05 -21.47 -15.77
N MET F 114 -4.15 -22.77 -15.97
CA MET F 114 -4.93 -23.31 -17.10
C MET F 114 -6.33 -23.76 -16.66
N THR F 115 -6.38 -24.55 -15.60
CA THR F 115 -7.65 -25.03 -15.08
C THR F 115 -7.59 -25.23 -13.59
N ILE F 116 -8.76 -25.19 -12.97
CA ILE F 116 -8.91 -25.40 -11.52
C ILE F 116 -10.19 -26.21 -11.39
N ASP F 117 -10.16 -27.25 -10.58
CA ASP F 117 -11.33 -28.07 -10.42
C ASP F 117 -11.31 -28.77 -9.08
N LYS F 118 -12.46 -29.27 -8.68
CA LYS F 118 -12.60 -30.00 -7.42
C LYS F 118 -12.09 -29.30 -6.17
N VAL F 119 -12.23 -27.99 -6.08
CA VAL F 119 -11.75 -27.35 -4.85
C VAL F 119 -12.91 -27.28 -3.87
N LYS F 120 -12.59 -27.44 -2.60
CA LYS F 120 -13.59 -27.40 -1.54
C LYS F 120 -12.97 -26.79 -0.30
N PHE F 121 -13.67 -25.86 0.32
CA PHE F 121 -13.18 -25.21 1.53
C PHE F 121 -13.93 -25.72 2.75
N ARG F 122 -13.18 -26.30 3.68
CA ARG F 122 -13.75 -26.86 4.89
C ARG F 122 -13.60 -26.00 6.12
N ILE F 123 -12.47 -25.32 6.26
CA ILE F 123 -12.22 -24.48 7.42
C ILE F 123 -11.58 -23.14 7.04
N PRO F 124 -12.11 -22.02 7.59
CA PRO F 124 -11.56 -20.70 7.28
C PRO F 124 -10.15 -20.51 7.83
N VAL F 125 -9.29 -19.89 7.04
CA VAL F 125 -7.92 -19.63 7.43
C VAL F 125 -7.90 -18.21 7.97
N THR F 126 -7.24 -18.01 9.10
CA THR F 126 -7.19 -16.70 9.73
C THR F 126 -5.78 -16.34 10.20
N PRO F 127 -5.55 -15.06 10.53
CA PRO F 127 -4.24 -14.60 11.00
C PRO F 127 -3.76 -15.50 12.15
N GLY F 128 -2.51 -15.92 12.10
CA GLY F 128 -1.97 -16.78 13.14
C GLY F 128 -1.87 -18.22 12.67
N ASP F 129 -2.49 -18.51 11.54
CA ASP F 129 -2.46 -19.85 10.98
C ASP F 129 -1.20 -20.09 10.17
N ARG F 130 -0.78 -21.34 10.15
CA ARG F 130 0.37 -21.76 9.36
C ARG F 130 -0.33 -22.56 8.28
N LEU F 131 -0.35 -22.03 7.07
CA LEU F 131 -1.03 -22.68 5.95
C LEU F 131 -0.11 -23.61 5.17
N GLU F 132 -0.27 -24.91 5.40
CA GLU F 132 0.57 -25.91 4.73
C GLU F 132 -0.03 -26.41 3.41
N TYR F 133 0.80 -26.44 2.37
CA TYR F 133 0.37 -26.90 1.05
C TYR F 133 0.87 -28.32 0.79
N HIS F 134 -0.03 -29.21 0.41
CA HIS F 134 0.33 -30.60 0.09
C HIS F 134 -0.14 -30.84 -1.35
N LEU F 135 0.81 -30.92 -2.27
CA LEU F 135 0.51 -31.16 -3.67
C LEU F 135 1.31 -32.32 -4.26
N GLU F 136 0.64 -33.18 -5.00
CA GLU F 136 1.30 -34.30 -5.66
C GLU F 136 1.03 -34.13 -7.16
N VAL F 137 1.94 -34.63 -7.98
CA VAL F 137 1.82 -34.53 -9.43
C VAL F 137 0.79 -35.54 -9.92
N LEU F 138 -0.25 -35.08 -10.61
CA LEU F 138 -1.28 -35.99 -11.11
C LEU F 138 -0.94 -36.38 -12.55
N LYS F 139 -0.35 -35.43 -13.28
CA LYS F 139 0.03 -35.65 -14.67
C LYS F 139 0.77 -34.44 -15.21
N HIS F 140 1.74 -34.68 -16.08
CA HIS F 140 2.48 -33.58 -16.68
C HIS F 140 3.05 -33.94 -18.04
N LYS F 141 3.30 -32.91 -18.83
CA LYS F 141 3.89 -33.07 -20.15
C LYS F 141 4.44 -31.71 -20.55
N GLY F 142 5.69 -31.68 -20.98
CA GLY F 142 6.28 -30.42 -21.36
C GLY F 142 6.13 -29.37 -20.27
N MET F 143 5.64 -28.19 -20.67
CA MET F 143 5.46 -27.08 -19.73
C MET F 143 4.14 -27.15 -18.97
N ILE F 144 3.28 -28.09 -19.36
CA ILE F 144 1.97 -28.24 -18.74
C ILE F 144 1.94 -29.24 -17.58
N TRP F 145 1.65 -28.75 -16.39
CA TRP F 145 1.60 -29.59 -15.20
C TRP F 145 0.26 -29.59 -14.49
N GLN F 146 -0.24 -30.78 -14.19
CA GLN F 146 -1.49 -30.89 -13.45
C GLN F 146 -1.19 -31.51 -12.09
N VAL F 147 -1.56 -30.81 -11.04
CA VAL F 147 -1.33 -31.29 -9.68
C VAL F 147 -2.58 -31.16 -8.83
N GLY F 148 -2.60 -31.90 -7.72
CA GLY F 148 -3.74 -31.87 -6.83
C GLY F 148 -3.31 -32.19 -5.42
N GLY F 149 -4.12 -31.75 -4.46
CA GLY F 149 -3.81 -32.01 -3.07
C GLY F 149 -4.71 -31.26 -2.12
N THR F 150 -4.13 -30.79 -1.02
CA THR F 150 -4.88 -30.07 -0.01
C THR F 150 -4.03 -28.98 0.65
N ALA F 151 -4.72 -28.18 1.47
CA ALA F 151 -4.10 -27.11 2.22
C ALA F 151 -4.43 -27.52 3.65
N GLN F 152 -3.46 -27.47 4.55
CA GLN F 152 -3.70 -27.89 5.93
C GLN F 152 -3.28 -26.88 6.97
N VAL F 153 -3.95 -26.95 8.11
CA VAL F 153 -3.66 -26.09 9.25
C VAL F 153 -3.71 -26.99 10.47
N ASP F 154 -2.55 -27.14 11.12
CA ASP F 154 -2.46 -27.96 12.32
C ASP F 154 -2.88 -29.40 12.05
N GLY F 155 -2.50 -29.93 10.89
CA GLY F 155 -2.81 -31.31 10.55
C GLY F 155 -4.20 -31.51 9.98
N LYS F 156 -5.05 -30.51 10.15
CA LYS F 156 -6.44 -30.54 9.69
C LYS F 156 -6.55 -30.00 8.25
N VAL F 157 -7.28 -30.70 7.40
CA VAL F 157 -7.47 -30.28 6.01
C VAL F 157 -8.47 -29.13 5.95
N VAL F 158 -8.01 -27.94 5.59
CA VAL F 158 -8.90 -26.79 5.49
C VAL F 158 -9.35 -26.56 4.06
N ALA F 159 -8.80 -27.34 3.12
CA ALA F 159 -9.17 -27.20 1.71
C ALA F 159 -8.42 -28.15 0.78
N GLU F 160 -9.09 -28.56 -0.28
CA GLU F 160 -8.49 -29.43 -1.27
C GLU F 160 -8.73 -28.78 -2.61
N ALA F 161 -7.97 -29.21 -3.62
CA ALA F 161 -8.12 -28.64 -4.93
C ALA F 161 -7.26 -29.36 -5.94
N GLU F 162 -7.59 -29.14 -7.21
CA GLU F 162 -6.85 -29.70 -8.33
C GLU F 162 -6.70 -28.58 -9.34
N LEU F 163 -5.51 -28.48 -9.93
CA LEU F 163 -5.28 -27.42 -10.90
C LEU F 163 -4.22 -27.82 -11.93
N LYS F 164 -4.29 -27.17 -13.08
CA LYS F 164 -3.34 -27.41 -14.15
C LYS F 164 -2.73 -26.07 -14.54
N ALA F 165 -1.42 -25.96 -14.42
CA ALA F 165 -0.75 -24.71 -14.76
C ALA F 165 0.20 -24.88 -15.93
N MET F 166 0.59 -23.78 -16.56
CA MET F 166 1.52 -23.85 -17.66
C MET F 166 2.70 -22.90 -17.47
N ILE F 167 3.90 -23.42 -17.67
CA ILE F 167 5.10 -22.61 -17.54
C ILE F 167 5.47 -22.13 -18.94
N ALA F 168 5.82 -20.86 -19.08
CA ALA F 168 6.16 -20.31 -20.39
C ALA F 168 7.25 -19.25 -20.35
N GLU F 169 7.61 -18.76 -21.52
CA GLU F 169 8.63 -17.73 -21.67
C GLU F 169 7.99 -16.36 -21.52
#